data_6SW6
#
_entry.id   6SW6
#
_cell.length_a   108.558
_cell.length_b   83.619
_cell.length_c   87.562
_cell.angle_alpha   90.000
_cell.angle_beta   107.990
_cell.angle_gamma   90.000
#
_symmetry.space_group_name_H-M   'C 1 2 1'
#
loop_
_entity.id
_entity.type
_entity.pdbx_description
1 polymer 'S-adenosylmethionine synthase isoform type-1'
2 water water
#
_entity_poly.entity_id   1
_entity_poly.type   'polypeptide(L)'
_entity_poly.pdbx_seq_one_letter_code
;MNGPVDGLCDHSLSEGVFMFTSESVGEGHPDKICDQISDAVLDAHLKQDPNAKVACETVCKTGMVLLCGEITSMAMVDYQ
RVVRDTIKHIGYDDSAKGFDFKTCNVLVALEQQSPDIAQCVHLDRNEEDVGAGDQGLMFGYATDETEECMPLTIILAHKL
NARMADLRRSGLLPWLRPDSKTQVTVQYMQDNGAVIPVRIHTIVISVQHNEDITLEEMRRALKEQVIRAVVPAKYLDEDT
VYHLQPSGRFVIGGPQGDAGVTGHKIIVDTYGGWGAHGGGAFSGKDYTKVDRSAAYAARWVAKSLVKAGLCRRVLVQVSY
AIGVAEPLSISIFTYGTSQKTERELLDVVHKNFDLRPGVIVRDLDLKKPIYQKTACYGHFGRSEFPWEVPRKLVF
;
_entity_poly.pdbx_strand_id   A,B
#
# COMPACT_ATOMS: atom_id res chain seq x y z
N SER A 14 0.19 -26.28 21.18
CA SER A 14 0.23 -25.75 19.79
C SER A 14 -1.03 -26.20 19.03
N GLU A 15 -2.02 -25.31 18.95
CA GLU A 15 -3.41 -25.71 18.63
C GLU A 15 -3.80 -25.73 17.14
N GLY A 16 -3.80 -24.55 16.50
CA GLY A 16 -4.38 -24.38 15.16
C GLY A 16 -3.38 -24.23 14.02
N VAL A 17 -3.59 -25.01 12.95
CA VAL A 17 -2.82 -24.85 11.71
C VAL A 17 -3.54 -23.88 10.77
N PHE A 18 -2.76 -23.04 10.09
CA PHE A 18 -3.28 -22.10 9.09
C PHE A 18 -2.22 -21.83 8.01
N MET A 19 -2.67 -21.35 6.84
CA MET A 19 -1.78 -21.00 5.73
C MET A 19 -1.58 -19.48 5.66
N PHE A 20 -0.46 -19.08 5.09
CA PHE A 20 -0.21 -17.66 4.81
C PHE A 20 0.71 -17.48 3.61
N THR A 21 0.37 -16.50 2.76
CA THR A 21 1.06 -16.26 1.51
C THR A 21 1.61 -14.83 1.46
N SER A 22 2.84 -14.70 0.97
CA SER A 22 3.45 -13.41 0.65
C SER A 22 3.98 -13.49 -0.78
N GLU A 23 4.07 -12.35 -1.45
CA GLU A 23 4.71 -12.28 -2.77
C GLU A 23 5.91 -11.35 -2.72
N SER A 24 6.72 -11.43 -3.78
CA SER A 24 7.83 -10.51 -4.00
C SER A 24 8.12 -10.47 -5.49
N VAL A 25 8.79 -9.40 -5.91
CA VAL A 25 9.15 -9.20 -7.32
C VAL A 25 10.63 -8.84 -7.42
N GLY A 26 11.21 -9.09 -8.58
CA GLY A 26 12.63 -8.86 -8.83
C GLY A 26 12.92 -7.44 -9.24
N GLU A 27 14.19 -7.17 -9.50
CA GLU A 27 14.65 -5.84 -9.91
C GLU A 27 14.05 -5.37 -11.24
N GLY A 28 13.73 -6.30 -12.14
CA GLY A 28 13.21 -5.98 -13.46
C GLY A 28 11.71 -5.86 -13.60
N HIS A 29 10.96 -6.07 -12.52
CA HIS A 29 9.52 -5.83 -12.53
C HIS A 29 9.27 -4.33 -12.70
N PRO A 30 8.37 -3.92 -13.62
CA PRO A 30 8.14 -2.50 -13.93
C PRO A 30 7.93 -1.58 -12.72
N ASP A 31 7.10 -2.00 -11.76
CA ASP A 31 6.89 -1.24 -10.53
C ASP A 31 8.19 -1.07 -9.72
N LYS A 32 8.98 -2.13 -9.61
CA LYS A 32 10.22 -2.08 -8.84
C LYS A 32 11.32 -1.29 -9.56
N ILE A 33 11.33 -1.30 -10.89
CA ILE A 33 12.22 -0.44 -11.67
C ILE A 33 12.00 1.01 -11.27
N CYS A 34 10.72 1.41 -11.18
CA CYS A 34 10.35 2.76 -10.80
C CYS A 34 10.69 3.11 -9.35
N ASP A 35 10.56 2.14 -8.46
CA ASP A 35 11.03 2.29 -7.07
C ASP A 35 12.55 2.49 -7.01
N GLN A 36 13.30 1.70 -7.76
CA GLN A 36 14.78 1.79 -7.77
C GLN A 36 15.28 3.10 -8.39
N ILE A 37 14.67 3.52 -9.50
CA ILE A 37 15.00 4.81 -10.13
C ILE A 37 14.68 5.95 -9.19
N SER A 38 13.52 5.89 -8.53
CA SER A 38 13.09 6.94 -7.61
C SER A 38 14.10 7.17 -6.47
N ASP A 39 14.60 6.08 -5.88
CA ASP A 39 15.61 6.15 -4.82
C ASP A 39 17.02 6.43 -5.35
N ALA A 40 17.33 5.97 -6.56
CA ALA A 40 18.60 6.34 -7.23
C ALA A 40 18.68 7.86 -7.41
N VAL A 41 17.54 8.48 -7.79
CA VAL A 41 17.42 9.94 -7.86
C VAL A 41 17.62 10.55 -6.48
N LEU A 42 17.00 9.97 -5.45
CA LEU A 42 17.16 10.45 -4.06
C LEU A 42 18.64 10.43 -3.61
N ASP A 43 19.33 9.32 -3.85
CA ASP A 43 20.75 9.18 -3.49
C ASP A 43 21.63 10.21 -4.19
N ALA A 44 21.39 10.41 -5.50
CA ALA A 44 22.13 11.40 -6.29
C ALA A 44 22.10 12.81 -5.68
N HIS A 45 20.93 13.23 -5.20
CA HIS A 45 20.77 14.51 -4.50
C HIS A 45 21.48 14.53 -3.15
N LEU A 46 21.30 13.47 -2.35
CA LEU A 46 21.88 13.38 -1.00
C LEU A 46 23.41 13.32 -0.98
N LYS A 47 24.01 12.79 -2.05
CA LYS A 47 25.48 12.84 -2.22
C LYS A 47 26.05 14.26 -2.34
N GLN A 48 25.24 15.19 -2.85
CA GLN A 48 25.65 16.60 -3.03
C GLN A 48 25.01 17.56 -2.01
N ASP A 49 23.71 17.38 -1.76
CA ASP A 49 22.96 18.17 -0.76
C ASP A 49 22.26 17.20 0.20
N PRO A 50 22.82 16.98 1.41
CA PRO A 50 22.20 16.04 2.35
C PRO A 50 20.85 16.47 2.93
N ASN A 51 20.48 17.75 2.77
CA ASN A 51 19.16 18.26 3.20
C ASN A 51 18.19 18.48 2.02
N ALA A 52 18.42 17.78 0.91
CA ALA A 52 17.59 17.92 -0.29
C ALA A 52 16.22 17.30 -0.07
N LYS A 53 15.17 18.08 -0.32
CA LYS A 53 13.79 17.60 -0.23
C LYS A 53 13.41 17.01 -1.61
N VAL A 54 13.10 15.72 -1.64
CA VAL A 54 12.81 15.00 -2.88
C VAL A 54 11.50 14.25 -2.75
N ALA A 55 10.64 14.38 -3.75
CA ALA A 55 9.43 13.56 -3.89
C ALA A 55 9.30 13.21 -5.37
N CYS A 56 9.94 12.10 -5.76
CA CYS A 56 10.14 11.75 -7.16
C CYS A 56 9.37 10.49 -7.55
N GLU A 57 8.27 10.67 -8.28
CA GLU A 57 7.45 9.57 -8.79
C GLU A 57 7.92 9.18 -10.18
N THR A 58 8.34 7.92 -10.34
CA THR A 58 8.77 7.39 -11.64
C THR A 58 7.67 6.53 -12.25
N VAL A 59 7.37 6.79 -13.53
CA VAL A 59 6.49 5.93 -14.33
C VAL A 59 7.32 5.40 -15.47
N CYS A 60 7.12 4.14 -15.85
CA CYS A 60 7.82 3.55 -16.99
C CYS A 60 6.89 2.74 -17.90
N LYS A 61 7.09 2.90 -19.21
CA LYS A 61 6.34 2.17 -20.25
C LYS A 61 7.15 2.17 -21.55
N THR A 62 7.29 0.99 -22.15
CA THR A 62 7.91 0.76 -23.47
C THR A 62 9.08 1.70 -23.83
N GLY A 63 10.17 1.60 -23.08
CA GLY A 63 11.36 2.41 -23.33
C GLY A 63 11.21 3.89 -23.09
N MET A 64 10.32 4.25 -22.17
CA MET A 64 10.12 5.63 -21.75
C MET A 64 10.04 5.65 -20.23
N VAL A 65 10.69 6.65 -19.64
CA VAL A 65 10.64 6.90 -18.22
C VAL A 65 10.23 8.35 -18.02
N LEU A 66 9.22 8.57 -17.17
CA LEU A 66 8.79 9.90 -16.76
C LEU A 66 9.08 10.06 -15.27
N LEU A 67 9.84 11.09 -14.91
CA LEU A 67 10.01 11.51 -13.52
C LEU A 67 9.07 12.68 -13.23
N CYS A 68 8.32 12.58 -12.13
CA CYS A 68 7.31 13.58 -11.77
C CYS A 68 7.27 13.83 -10.27
N GLY A 69 7.09 15.09 -9.88
CA GLY A 69 7.01 15.50 -8.48
C GLY A 69 7.80 16.76 -8.16
N GLU A 70 8.20 16.89 -6.89
CA GLU A 70 8.80 18.11 -6.36
C GLU A 70 10.22 17.83 -5.88
N ILE A 71 11.13 18.78 -6.13
CA ILE A 71 12.50 18.73 -5.59
C ILE A 71 12.91 20.12 -5.09
N THR A 72 13.67 20.16 -4.00
CA THR A 72 14.29 21.40 -3.50
C THR A 72 15.70 21.06 -3.01
N SER A 73 16.68 21.32 -3.87
CA SER A 73 18.05 20.88 -3.67
C SER A 73 19.05 21.83 -4.32
N MET A 74 20.24 21.95 -3.71
CA MET A 74 21.37 22.64 -4.31
C MET A 74 22.24 21.71 -5.17
N ALA A 75 21.87 20.43 -5.24
CA ALA A 75 22.52 19.48 -6.14
C ALA A 75 22.14 19.73 -7.58
N MET A 76 23.00 19.28 -8.49
CA MET A 76 22.71 19.25 -9.92
C MET A 76 22.87 17.81 -10.37
N VAL A 77 21.75 17.21 -10.79
CA VAL A 77 21.66 15.78 -11.05
C VAL A 77 21.48 15.54 -12.54
N ASP A 78 22.27 14.61 -13.07
CA ASP A 78 22.13 14.14 -14.45
C ASP A 78 21.07 13.04 -14.42
N TYR A 79 19.81 13.46 -14.47
CA TYR A 79 18.66 12.54 -14.39
C TYR A 79 18.71 11.46 -15.46
N GLN A 80 19.11 11.84 -16.67
CA GLN A 80 19.28 10.87 -17.75
C GLN A 80 20.28 9.79 -17.39
N ARG A 81 21.41 10.19 -16.82
CA ARG A 81 22.46 9.23 -16.43
C ARG A 81 22.03 8.41 -15.22
N VAL A 82 21.37 9.05 -14.25
CA VAL A 82 20.85 8.36 -13.06
C VAL A 82 19.86 7.26 -13.47
N VAL A 83 18.91 7.61 -14.34
CA VAL A 83 17.89 6.68 -14.84
C VAL A 83 18.53 5.53 -15.62
N ARG A 84 19.41 5.86 -16.55
CA ARG A 84 20.00 4.87 -17.45
C ARG A 84 20.98 3.91 -16.75
N ASP A 85 21.76 4.43 -15.79
CA ASP A 85 22.63 3.59 -14.97
C ASP A 85 21.83 2.58 -14.15
N THR A 86 20.77 3.05 -13.51
CA THR A 86 19.86 2.18 -12.75
C THR A 86 19.33 1.01 -13.60
N ILE A 87 18.84 1.34 -14.80
CA ILE A 87 18.31 0.33 -15.74
C ILE A 87 19.41 -0.64 -16.20
N LYS A 88 20.59 -0.10 -16.51
CA LYS A 88 21.77 -0.91 -16.84
C LYS A 88 22.11 -1.86 -15.70
N HIS A 89 22.18 -1.33 -14.49
CA HIS A 89 22.50 -2.11 -13.28
C HIS A 89 21.48 -3.22 -13.01
N ILE A 90 20.19 -2.94 -13.24
CA ILE A 90 19.12 -3.95 -13.13
C ILE A 90 19.38 -5.16 -14.04
N GLY A 91 19.94 -4.91 -15.22
CA GLY A 91 20.33 -5.96 -16.18
C GLY A 91 19.85 -5.83 -17.62
N TYR A 92 19.30 -4.66 -17.98
CA TYR A 92 18.79 -4.42 -19.32
C TYR A 92 19.88 -3.68 -20.13
N ASP A 93 21.09 -4.23 -20.08
CA ASP A 93 22.30 -3.53 -20.55
C ASP A 93 22.65 -3.92 -22.00
N ASP A 94 22.56 -5.20 -22.31
CA ASP A 94 22.51 -5.66 -23.68
C ASP A 94 21.03 -5.65 -24.07
N SER A 95 20.73 -5.32 -25.33
CA SER A 95 19.40 -5.56 -25.92
C SER A 95 19.09 -7.06 -26.05
N ALA A 96 20.13 -7.89 -26.18
CA ALA A 96 20.03 -9.34 -26.03
C ALA A 96 19.25 -9.82 -24.79
N LYS A 97 19.31 -9.05 -23.70
CA LYS A 97 18.47 -9.25 -22.51
C LYS A 97 17.05 -8.66 -22.61
N GLY A 98 16.59 -8.31 -23.82
CA GLY A 98 15.23 -7.81 -24.04
C GLY A 98 15.05 -6.31 -24.22
N PHE A 99 16.03 -5.51 -23.79
CA PHE A 99 15.91 -4.06 -23.77
C PHE A 99 17.28 -3.38 -23.74
N ASP A 100 17.34 -2.13 -24.20
CA ASP A 100 18.57 -1.32 -24.14
C ASP A 100 18.40 -0.08 -23.26
N PHE A 101 19.36 0.10 -22.34
CA PHE A 101 19.45 1.29 -21.48
C PHE A 101 19.93 2.55 -22.22
N LYS A 102 20.55 2.37 -23.39
CA LYS A 102 20.97 3.46 -24.27
C LYS A 102 19.84 4.10 -25.09
N THR A 103 18.77 3.35 -25.39
CA THR A 103 17.66 3.82 -26.21
C THR A 103 16.44 4.29 -25.40
N CYS A 104 16.64 4.61 -24.12
CA CYS A 104 15.55 4.86 -23.18
C CYS A 104 15.22 6.35 -23.12
N ASN A 105 13.96 6.69 -23.37
CA ASN A 105 13.51 8.10 -23.26
C ASN A 105 13.32 8.51 -21.80
N VAL A 106 13.87 9.67 -21.45
CA VAL A 106 13.77 10.21 -20.10
C VAL A 106 13.11 11.60 -20.17
N LEU A 107 11.82 11.64 -19.85
CA LEU A 107 11.08 12.89 -19.72
C LEU A 107 11.15 13.30 -18.26
N VAL A 108 11.73 14.46 -17.99
CA VAL A 108 11.82 14.97 -16.63
C VAL A 108 10.81 16.10 -16.47
N ALA A 109 9.82 15.86 -15.61
CA ALA A 109 8.81 16.84 -15.24
C ALA A 109 8.79 16.99 -13.72
N LEU A 110 9.88 17.56 -13.19
CA LEU A 110 10.09 17.72 -11.77
C LEU A 110 10.12 19.20 -11.43
N GLU A 111 9.14 19.65 -10.66
CA GLU A 111 9.12 21.03 -10.15
C GLU A 111 10.33 21.23 -9.20
N GLN A 112 11.25 22.11 -9.59
CA GLN A 112 12.56 22.25 -8.93
C GLN A 112 12.66 23.67 -8.41
N GLN A 113 13.38 23.86 -7.29
CA GLN A 113 13.53 25.18 -6.66
C GLN A 113 14.97 25.60 -6.38
N SER A 114 15.74 24.78 -5.66
CA SER A 114 17.04 25.18 -5.10
C SER A 114 16.93 26.37 -4.12
N PRO A 115 17.25 26.18 -2.82
CA PRO A 115 17.10 27.23 -1.79
C PRO A 115 17.71 28.60 -2.15
N ASP A 116 16.88 29.64 -2.11
CA ASP A 116 17.33 31.02 -2.38
C ASP A 116 17.78 31.64 -1.06
N ILE A 117 19.05 32.04 -0.99
CA ILE A 117 19.62 32.69 0.21
C ILE A 117 18.71 33.82 0.70
N ALA A 118 18.11 33.62 1.87
CA ALA A 118 17.10 34.55 2.39
C ALA A 118 17.59 35.30 3.63
N GLN A 119 17.03 36.49 3.81
CA GLN A 119 17.25 37.30 5.02
C GLN A 119 16.79 36.49 6.24
N CYS A 120 15.58 35.92 6.14
CA CYS A 120 15.09 34.94 7.12
C CYS A 120 15.86 33.63 7.07
N VAL A 121 15.96 33.00 8.23
CA VAL A 121 16.45 31.62 8.35
C VAL A 121 15.38 30.65 7.80
N HIS A 122 15.82 29.54 7.20
CA HIS A 122 14.89 28.51 6.69
C HIS A 122 14.20 27.75 7.83
N LEU A 123 15.00 27.19 8.74
CA LEU A 123 14.48 26.51 9.94
C LEU A 123 14.60 27.44 11.15
N ASP A 124 13.49 27.64 11.86
CA ASP A 124 13.46 28.49 13.06
C ASP A 124 13.56 27.70 14.37
N ARG A 125 13.94 26.43 14.25
CA ARG A 125 13.77 25.42 15.29
C ARG A 125 14.99 24.52 15.21
N ASN A 126 15.25 23.75 16.26
CA ASN A 126 16.50 22.96 16.32
C ASN A 126 16.48 21.67 15.45
N GLU A 127 15.48 21.49 14.58
CA GLU A 127 15.39 20.37 13.62
C GLU A 127 14.93 19.04 14.23
N GLU A 128 15.30 18.79 15.48
CA GLU A 128 14.74 17.69 16.29
C GLU A 128 13.32 18.01 16.82
N ASP A 129 13.02 19.29 17.01
CA ASP A 129 11.70 19.74 17.48
C ASP A 129 10.76 20.21 16.36
N VAL A 130 11.21 20.13 15.11
CA VAL A 130 10.39 20.54 13.95
C VAL A 130 9.20 19.59 13.81
N GLY A 131 8.04 20.16 13.48
CA GLY A 131 6.82 19.39 13.31
C GLY A 131 6.85 18.44 12.13
N ALA A 132 6.05 17.38 12.21
CA ALA A 132 5.96 16.39 11.14
C ALA A 132 5.51 17.07 9.85
N GLY A 133 6.13 16.67 8.74
CA GLY A 133 5.85 17.26 7.43
C GLY A 133 4.47 16.92 6.88
N ASP A 134 3.86 15.86 7.40
CA ASP A 134 2.49 15.49 7.05
C ASP A 134 1.85 14.69 8.19
N GLN A 135 0.56 14.43 8.05
CA GLN A 135 -0.13 13.44 8.87
C GLN A 135 0.19 12.02 8.39
N GLY A 136 -0.36 11.01 9.05
CA GLY A 136 -0.31 9.62 8.56
C GLY A 136 -0.22 8.55 9.62
N LEU A 137 -0.46 7.31 9.17
CA LEU A 137 -0.34 6.10 9.98
C LEU A 137 0.88 5.33 9.48
N MET A 138 1.62 4.76 10.42
CA MET A 138 2.75 3.89 10.09
C MET A 138 2.74 2.68 11.02
N PHE A 139 3.19 1.53 10.49
CA PHE A 139 3.21 0.28 11.25
C PHE A 139 4.60 -0.34 11.28
N GLY A 140 4.97 -0.83 12.46
CA GLY A 140 6.15 -1.66 12.64
C GLY A 140 5.72 -3.04 13.10
N TYR A 141 6.36 -4.07 12.57
CA TYR A 141 6.01 -5.45 12.90
C TYR A 141 7.28 -6.31 12.93
N ALA A 142 7.29 -7.28 13.84
CA ALA A 142 8.38 -8.24 13.98
C ALA A 142 7.84 -9.57 14.49
N THR A 143 8.59 -10.64 14.22
CA THR A 143 8.19 -12.00 14.60
C THR A 143 9.42 -12.86 14.72
N ASP A 144 9.55 -13.60 15.83
CA ASP A 144 10.79 -14.37 16.13
C ASP A 144 10.91 -15.72 15.41
N GLU A 145 10.16 -15.90 14.32
CA GLU A 145 10.23 -17.11 13.50
C GLU A 145 11.51 -17.22 12.67
N THR A 146 12.01 -16.09 12.16
CA THR A 146 13.32 -16.03 11.51
C THR A 146 14.31 -15.22 12.35
N GLU A 147 15.59 -15.41 12.06
CA GLU A 147 16.69 -14.69 12.75
C GLU A 147 16.64 -13.17 12.54
N GLU A 148 16.21 -12.76 11.35
CA GLU A 148 16.04 -11.32 11.03
C GLU A 148 14.66 -10.75 11.45
N CYS A 149 13.94 -11.48 12.32
CA CYS A 149 12.68 -11.06 12.92
C CYS A 149 11.59 -10.68 11.90
N MET A 150 11.53 -11.43 10.81
CA MET A 150 10.56 -11.20 9.75
C MET A 150 9.79 -12.48 9.41
N PRO A 151 8.60 -12.36 8.78
CA PRO A 151 7.89 -13.56 8.34
C PRO A 151 8.68 -14.35 7.30
N LEU A 152 8.70 -15.68 7.43
CA LEU A 152 9.41 -16.54 6.50
C LEU A 152 8.88 -16.43 5.07
N THR A 153 7.56 -16.25 4.95
CA THR A 153 6.88 -16.15 3.65
C THR A 153 7.49 -15.08 2.75
N ILE A 154 7.63 -13.87 3.30
CA ILE A 154 8.22 -12.74 2.55
C ILE A 154 9.75 -12.90 2.38
N ILE A 155 10.44 -13.37 3.43
CA ILE A 155 11.90 -13.55 3.38
C ILE A 155 12.30 -14.58 2.32
N LEU A 156 11.57 -15.68 2.23
CA LEU A 156 11.79 -16.67 1.16
C LEU A 156 11.46 -16.12 -0.23
N ALA A 157 10.35 -15.36 -0.33
CA ALA A 157 9.97 -14.72 -1.60
C ALA A 157 11.02 -13.71 -2.09
N HIS A 158 11.61 -12.98 -1.16
CA HIS A 158 12.73 -12.07 -1.47
C HIS A 158 13.99 -12.82 -1.89
N LYS A 159 14.39 -13.82 -1.12
CA LYS A 159 15.60 -14.61 -1.39
C LYS A 159 15.55 -15.38 -2.71
N LEU A 160 14.35 -15.83 -3.10
CA LEU A 160 14.16 -16.47 -4.42
C LEU A 160 14.53 -15.53 -5.57
N ASN A 161 14.08 -14.28 -5.48
CA ASN A 161 14.42 -13.24 -6.47
C ASN A 161 15.91 -12.87 -6.44
N ALA A 162 16.46 -12.74 -5.25
CA ALA A 162 17.90 -12.46 -5.08
C ALA A 162 18.78 -13.61 -5.58
N ARG A 163 18.30 -14.84 -5.45
CA ARG A 163 18.99 -16.02 -5.98
C ARG A 163 19.03 -15.99 -7.50
N MET A 164 17.87 -15.78 -8.13
CA MET A 164 17.77 -15.68 -9.60
C MET A 164 18.60 -14.53 -10.18
N ALA A 165 18.63 -13.40 -9.47
CA ALA A 165 19.46 -12.26 -9.85
C ALA A 165 20.96 -12.64 -9.85
N ASP A 166 21.39 -13.33 -8.79
CA ASP A 166 22.79 -13.78 -8.69
C ASP A 166 23.17 -14.79 -9.77
N LEU A 167 22.30 -15.75 -10.04
CA LEU A 167 22.52 -16.73 -11.11
C LEU A 167 22.49 -16.12 -12.52
N ARG A 168 21.73 -15.03 -12.68
CA ARG A 168 21.68 -14.28 -13.93
C ARG A 168 22.98 -13.52 -14.19
N ARG A 169 23.45 -12.79 -13.18
CA ARG A 169 24.66 -11.97 -13.27
C ARG A 169 25.97 -12.78 -13.37
N SER A 170 26.00 -13.96 -12.75
CA SER A 170 27.15 -14.88 -12.83
C SER A 170 27.18 -15.73 -14.11
N GLY A 171 26.08 -15.74 -14.86
CA GLY A 171 25.98 -16.50 -16.10
C GLY A 171 25.62 -17.97 -15.94
N LEU A 172 25.40 -18.42 -14.69
CA LEU A 172 25.10 -19.84 -14.40
C LEU A 172 23.74 -20.26 -14.93
N LEU A 173 22.79 -19.34 -14.96
CA LEU A 173 21.57 -19.47 -15.76
C LEU A 173 21.45 -18.21 -16.64
N PRO A 174 22.15 -18.18 -17.79
CA PRO A 174 22.23 -16.96 -18.60
C PRO A 174 20.94 -16.62 -19.36
N TRP A 175 20.05 -17.60 -19.51
CA TRP A 175 18.71 -17.39 -20.08
C TRP A 175 17.79 -16.46 -19.25
N LEU A 176 18.09 -16.31 -17.95
CA LEU A 176 17.31 -15.44 -17.06
C LEU A 176 17.37 -13.97 -17.48
N ARG A 177 16.22 -13.29 -17.39
CA ARG A 177 16.11 -11.85 -17.55
C ARG A 177 15.57 -11.24 -16.26
N PRO A 178 15.81 -9.92 -16.02
CA PRO A 178 15.60 -9.32 -14.70
C PRO A 178 14.15 -9.29 -14.16
N ASP A 179 13.14 -9.39 -15.02
CA ASP A 179 11.74 -9.31 -14.56
C ASP A 179 11.30 -10.64 -13.99
N SER A 180 11.12 -10.70 -12.67
CA SER A 180 10.65 -11.90 -11.98
C SER A 180 9.58 -11.58 -10.93
N LYS A 181 8.80 -12.59 -10.60
CA LYS A 181 7.78 -12.52 -9.56
C LYS A 181 7.73 -13.85 -8.83
N THR A 182 7.79 -13.81 -7.51
CA THR A 182 7.77 -15.01 -6.67
C THR A 182 6.68 -14.92 -5.61
N GLN A 183 6.06 -16.05 -5.29
CA GLN A 183 5.03 -16.11 -4.25
C GLN A 183 5.20 -17.41 -3.45
N VAL A 184 5.29 -17.27 -2.13
CA VAL A 184 5.52 -18.41 -1.22
C VAL A 184 4.38 -18.51 -0.21
N THR A 185 3.64 -19.62 -0.25
CA THR A 185 2.63 -19.96 0.76
C THR A 185 3.24 -20.94 1.75
N VAL A 186 3.14 -20.61 3.05
CA VAL A 186 3.72 -21.42 4.12
C VAL A 186 2.59 -21.86 5.07
N GLN A 187 2.80 -23.05 5.65
CA GLN A 187 1.85 -23.70 6.55
C GLN A 187 2.33 -23.50 7.97
N TYR A 188 1.52 -22.85 8.80
CA TYR A 188 1.92 -22.41 10.14
C TYR A 188 1.19 -23.19 11.23
N MET A 189 1.70 -23.11 12.46
CA MET A 189 1.01 -23.62 13.65
C MET A 189 1.01 -22.55 14.75
N GLN A 190 -0.16 -22.32 15.34
CA GLN A 190 -0.31 -21.32 16.40
C GLN A 190 0.33 -21.82 17.70
N ASP A 191 0.92 -20.91 18.46
CA ASP A 191 1.58 -21.23 19.74
C ASP A 191 1.40 -20.08 20.72
N ASN A 192 0.17 -19.99 21.24
CA ASN A 192 -0.24 -18.94 22.20
C ASN A 192 -0.04 -17.52 21.63
N GLY A 193 -0.42 -17.34 20.37
CA GLY A 193 -0.31 -16.06 19.70
C GLY A 193 0.93 -15.86 18.83
N ALA A 194 1.99 -16.63 19.08
CA ALA A 194 3.15 -16.67 18.20
C ALA A 194 2.86 -17.64 17.05
N VAL A 195 3.62 -17.50 15.97
CA VAL A 195 3.44 -18.34 14.77
C VAL A 195 4.75 -19.03 14.40
N ILE A 196 4.67 -20.33 14.11
CA ILE A 196 5.85 -21.14 13.80
C ILE A 196 5.66 -21.85 12.45
N PRO A 197 6.64 -21.70 11.53
CA PRO A 197 6.55 -22.35 10.22
C PRO A 197 6.77 -23.87 10.27
N VAL A 198 5.89 -24.61 9.62
CA VAL A 198 5.90 -26.08 9.64
C VAL A 198 6.45 -26.63 8.31
N ARG A 199 5.75 -26.32 7.22
CA ARG A 199 6.15 -26.77 5.87
C ARG A 199 5.86 -25.71 4.79
N ILE A 200 6.33 -25.98 3.57
CA ILE A 200 6.04 -25.14 2.41
C ILE A 200 4.81 -25.66 1.67
N HIS A 201 3.72 -24.89 1.70
CA HIS A 201 2.46 -25.29 1.07
C HIS A 201 2.58 -25.20 -0.45
N THR A 202 2.93 -24.00 -0.94
CA THR A 202 3.02 -23.73 -2.38
C THR A 202 4.15 -22.73 -2.66
N ILE A 203 4.83 -22.91 -3.80
CA ILE A 203 5.78 -21.93 -4.34
C ILE A 203 5.42 -21.63 -5.80
N VAL A 204 5.42 -20.34 -6.15
CA VAL A 204 5.18 -19.87 -7.50
C VAL A 204 6.37 -19.02 -7.93
N ILE A 205 6.89 -19.27 -9.12
CA ILE A 205 7.93 -18.42 -9.73
C ILE A 205 7.63 -18.20 -11.22
N SER A 206 7.29 -16.95 -11.56
CA SER A 206 7.27 -16.48 -12.94
C SER A 206 8.49 -15.61 -13.16
N VAL A 207 9.20 -15.81 -14.25
CA VAL A 207 10.40 -15.03 -14.56
C VAL A 207 10.62 -14.91 -16.07
N GLN A 208 11.03 -13.71 -16.49
CA GLN A 208 11.31 -13.38 -17.89
C GLN A 208 12.51 -14.18 -18.39
N HIS A 209 12.51 -14.54 -19.67
CA HIS A 209 13.56 -15.40 -20.24
C HIS A 209 13.92 -15.09 -21.70
N ASN A 210 15.06 -15.64 -22.13
CA ASN A 210 15.48 -15.57 -23.53
C ASN A 210 14.72 -16.60 -24.37
N GLU A 211 14.84 -16.47 -25.69
CA GLU A 211 14.10 -17.33 -26.64
C GLU A 211 14.70 -18.74 -26.73
N ASP A 212 16.01 -18.88 -26.49
CA ASP A 212 16.76 -20.13 -26.72
C ASP A 212 16.78 -21.08 -25.50
N ILE A 213 15.62 -21.28 -24.87
CA ILE A 213 15.48 -22.24 -23.76
C ILE A 213 14.03 -22.72 -23.65
N THR A 214 13.85 -24.00 -23.31
CA THR A 214 12.51 -24.61 -23.20
C THR A 214 11.97 -24.55 -21.77
N LEU A 215 10.65 -24.57 -21.65
CA LEU A 215 9.94 -24.53 -20.35
C LEU A 215 10.45 -25.57 -19.34
N GLU A 216 10.65 -26.81 -19.82
CA GLU A 216 11.09 -27.92 -18.96
C GLU A 216 12.49 -27.71 -18.39
N GLU A 217 13.40 -27.19 -19.24
CA GLU A 217 14.74 -26.79 -18.78
C GLU A 217 14.65 -25.77 -17.65
N MET A 218 13.78 -24.78 -17.83
CA MET A 218 13.60 -23.69 -16.87
C MET A 218 13.03 -24.18 -15.55
N ARG A 219 11.90 -24.90 -15.64
CA ARG A 219 11.18 -25.43 -14.47
C ARG A 219 12.05 -26.35 -13.63
N ARG A 220 12.84 -27.21 -14.29
CA ARG A 220 13.81 -28.06 -13.61
C ARG A 220 14.93 -27.24 -12.98
N ALA A 221 15.47 -26.29 -13.75
CA ALA A 221 16.49 -25.37 -13.25
C ALA A 221 15.98 -24.48 -12.12
N LEU A 222 14.69 -24.14 -12.16
CA LEU A 222 14.04 -23.37 -11.09
C LEU A 222 14.01 -24.16 -9.77
N LYS A 223 13.61 -25.43 -9.83
CA LYS A 223 13.52 -26.28 -8.63
C LYS A 223 14.89 -26.55 -8.01
N GLU A 224 15.85 -26.98 -8.83
CA GLU A 224 17.16 -27.40 -8.34
C GLU A 224 18.06 -26.22 -7.96
N GLN A 225 18.37 -25.36 -8.92
CA GLN A 225 19.38 -24.31 -8.70
C GLN A 225 18.88 -23.05 -7.95
N VAL A 226 17.57 -22.84 -7.88
CA VAL A 226 16.99 -21.70 -7.14
C VAL A 226 16.34 -22.13 -5.83
N ILE A 227 15.28 -22.94 -5.92
CA ILE A 227 14.45 -23.29 -4.75
C ILE A 227 15.22 -24.10 -3.70
N ARG A 228 15.93 -25.16 -4.14
CA ARG A 228 16.75 -25.99 -3.22
C ARG A 228 17.87 -25.19 -2.55
N ALA A 229 18.46 -24.24 -3.28
CA ALA A 229 19.47 -23.34 -2.72
C ALA A 229 18.91 -22.32 -1.73
N VAL A 230 17.66 -21.89 -1.95
CA VAL A 230 17.01 -20.86 -1.13
C VAL A 230 16.32 -21.44 0.11
N VAL A 231 15.43 -22.40 -0.12
CA VAL A 231 14.58 -22.93 0.95
C VAL A 231 15.28 -24.07 1.69
N PRO A 232 15.34 -24.01 3.04
CA PRO A 232 15.83 -25.14 3.83
C PRO A 232 15.03 -26.44 3.59
N ALA A 233 15.76 -27.54 3.39
CA ALA A 233 15.17 -28.83 3.00
C ALA A 233 14.19 -29.40 4.03
N LYS A 234 14.40 -29.08 5.31
CA LYS A 234 13.45 -29.40 6.39
C LYS A 234 12.00 -28.94 6.11
N TYR A 235 11.86 -27.79 5.46
CA TYR A 235 10.54 -27.22 5.11
C TYR A 235 9.91 -27.81 3.85
N LEU A 236 10.73 -28.39 2.97
CA LEU A 236 10.27 -28.91 1.68
C LEU A 236 9.84 -30.38 1.79
N ASP A 237 8.76 -30.69 1.08
CA ASP A 237 7.98 -31.91 1.18
C ASP A 237 7.72 -32.54 -0.18
N GLU A 238 7.25 -33.78 -0.14
CA GLU A 238 6.82 -34.47 -1.39
C GLU A 238 5.45 -33.97 -1.87
N ASP A 239 4.66 -33.38 -0.96
CA ASP A 239 3.32 -32.86 -1.26
C ASP A 239 3.31 -31.34 -1.54
N THR A 240 4.48 -30.69 -1.58
CA THR A 240 4.54 -29.26 -1.93
C THR A 240 4.21 -29.04 -3.41
N VAL A 241 3.44 -27.99 -3.69
CA VAL A 241 3.04 -27.64 -5.05
C VAL A 241 4.07 -26.69 -5.66
N TYR A 242 4.46 -26.93 -6.91
CA TYR A 242 5.42 -26.09 -7.63
C TYR A 242 4.82 -25.56 -8.95
N HIS A 243 4.15 -24.41 -8.86
CA HIS A 243 3.66 -23.69 -10.03
C HIS A 243 4.80 -22.86 -10.64
N LEU A 244 5.52 -23.45 -11.59
CA LEU A 244 6.70 -22.80 -12.18
C LEU A 244 6.45 -22.46 -13.65
N GLN A 245 6.72 -21.21 -14.02
CA GLN A 245 6.36 -20.62 -15.31
C GLN A 245 4.92 -20.96 -15.76
N PRO A 246 3.94 -20.78 -14.85
CA PRO A 246 2.59 -21.27 -15.12
C PRO A 246 1.77 -20.44 -16.13
N SER A 247 2.25 -19.23 -16.47
CA SER A 247 1.60 -18.39 -17.49
C SER A 247 1.91 -18.87 -18.92
N GLY A 248 2.88 -19.77 -19.08
CA GLY A 248 3.37 -20.17 -20.40
C GLY A 248 4.59 -19.36 -20.70
N ARG A 249 4.70 -18.90 -21.97
CA ARG A 249 5.82 -18.08 -22.43
C ARG A 249 5.79 -16.67 -21.82
N PHE A 250 6.99 -16.11 -21.66
CA PHE A 250 7.18 -14.82 -20.99
C PHE A 250 8.57 -14.31 -21.37
N VAL A 251 8.65 -13.87 -22.63
CA VAL A 251 9.89 -13.39 -23.24
C VAL A 251 9.98 -11.87 -23.08
N ILE A 252 8.89 -11.17 -23.45
CA ILE A 252 8.82 -9.71 -23.43
C ILE A 252 8.25 -9.24 -22.08
N GLY A 253 9.05 -8.48 -21.33
CA GLY A 253 8.69 -8.00 -19.99
C GLY A 253 9.48 -6.77 -19.61
N GLY A 254 9.38 -6.36 -18.34
CA GLY A 254 10.11 -5.19 -17.84
C GLY A 254 9.60 -3.88 -18.44
N PRO A 255 10.52 -2.97 -18.85
CA PRO A 255 10.11 -1.71 -19.48
C PRO A 255 9.25 -1.90 -20.74
N GLN A 256 9.62 -2.89 -21.56
CA GLN A 256 8.88 -3.20 -22.79
C GLN A 256 7.49 -3.79 -22.53
N GLY A 257 7.30 -4.38 -21.34
CA GLY A 257 6.01 -4.93 -20.92
C GLY A 257 5.04 -3.87 -20.40
N ASP A 258 4.30 -4.23 -19.34
CA ASP A 258 3.23 -3.39 -18.81
C ASP A 258 3.75 -2.15 -18.06
N ALA A 259 2.84 -1.22 -17.77
CA ALA A 259 3.16 0.04 -17.11
C ALA A 259 3.60 -0.15 -15.65
N GLY A 260 4.73 0.46 -15.30
CA GLY A 260 5.27 0.42 -13.95
C GLY A 260 5.16 1.77 -13.26
N VAL A 261 4.94 1.76 -11.95
CA VAL A 261 4.82 2.99 -11.15
C VAL A 261 5.49 2.82 -9.79
N THR A 262 6.12 3.89 -9.30
CA THR A 262 6.65 3.96 -7.93
C THR A 262 5.48 3.81 -6.95
N GLY A 263 5.68 3.06 -5.87
CA GLY A 263 4.64 2.90 -4.83
C GLY A 263 3.48 1.96 -5.15
N HIS A 264 3.75 0.91 -5.94
CA HIS A 264 2.77 -0.15 -6.24
C HIS A 264 3.23 -1.51 -5.71
N LYS A 265 4.25 -1.50 -4.86
CA LYS A 265 4.80 -2.73 -4.29
C LYS A 265 5.05 -2.51 -2.78
N ILE A 266 4.15 -1.78 -2.12
CA ILE A 266 4.36 -1.34 -0.72
C ILE A 266 4.28 -2.50 0.29
N ILE A 267 3.49 -3.53 -0.04
CA ILE A 267 3.42 -4.73 0.80
C ILE A 267 4.67 -5.59 0.57
N VAL A 268 5.12 -5.71 -0.68
CA VAL A 268 6.39 -6.34 -1.01
C VAL A 268 7.56 -5.60 -0.33
N ASP A 269 7.47 -4.27 -0.27
CA ASP A 269 8.46 -3.43 0.42
C ASP A 269 8.57 -3.68 1.92
N THR A 270 7.47 -4.13 2.54
CA THR A 270 7.35 -4.21 4.00
C THR A 270 7.27 -5.65 4.52
N TYR A 271 6.06 -6.15 4.79
CA TYR A 271 5.87 -7.39 5.57
C TYR A 271 5.13 -8.51 4.85
N GLY A 272 4.73 -8.31 3.60
CA GLY A 272 4.06 -9.35 2.82
C GLY A 272 2.72 -9.83 3.37
N GLY A 273 1.92 -8.90 3.89
CA GLY A 273 0.58 -9.18 4.40
C GLY A 273 0.51 -9.28 5.92
N TRP A 274 1.59 -9.75 6.54
CA TRP A 274 1.71 -9.79 8.00
C TRP A 274 1.76 -8.37 8.57
N GLY A 275 1.25 -8.21 9.78
CA GLY A 275 1.18 -6.89 10.41
C GLY A 275 0.12 -6.02 9.75
N ALA A 276 0.51 -4.80 9.38
CA ALA A 276 -0.40 -3.83 8.75
C ALA A 276 0.37 -2.77 7.99
N HIS A 277 -0.35 -1.90 7.29
CA HIS A 277 0.24 -0.79 6.53
C HIS A 277 -0.65 0.45 6.62
N GLY A 278 -0.02 1.63 6.70
CA GLY A 278 -0.72 2.91 6.82
C GLY A 278 -0.90 3.72 5.54
N GLY A 279 -0.49 3.15 4.40
CA GLY A 279 -0.66 3.79 3.08
C GLY A 279 0.56 4.36 2.39
N GLY A 280 1.66 4.57 3.12
CA GLY A 280 2.81 5.32 2.59
C GLY A 280 3.78 4.52 1.75
N ALA A 281 4.06 4.99 0.54
CA ALA A 281 5.09 4.41 -0.31
C ALA A 281 6.42 5.08 0.06
N PHE A 282 7.47 4.28 0.24
CA PHE A 282 8.77 4.80 0.72
C PHE A 282 9.60 5.46 -0.39
N SER A 283 9.79 4.74 -1.50
CA SER A 283 10.74 5.15 -2.55
C SER A 283 10.37 6.47 -3.21
N GLY A 284 11.39 7.25 -3.56
CA GLY A 284 11.20 8.60 -4.11
C GLY A 284 11.13 9.70 -3.08
N LYS A 285 10.80 9.37 -1.84
CA LYS A 285 10.58 10.35 -0.78
C LYS A 285 11.81 10.43 0.11
N ASP A 286 12.26 11.65 0.40
CA ASP A 286 13.37 11.86 1.34
C ASP A 286 12.96 11.59 2.80
N TYR A 287 13.94 11.66 3.68
CA TYR A 287 13.76 11.38 5.13
C TYR A 287 12.85 12.34 5.90
N THR A 288 12.56 13.53 5.38
CA THR A 288 11.62 14.45 6.04
C THR A 288 10.15 14.11 5.75
N LYS A 289 9.91 13.03 5.02
CA LYS A 289 8.57 12.49 4.83
C LYS A 289 8.36 11.37 5.86
N VAL A 290 7.37 11.56 6.73
CA VAL A 290 7.06 10.61 7.81
C VAL A 290 6.60 9.23 7.34
N ASP A 291 5.95 9.16 6.18
CA ASP A 291 5.60 7.87 5.57
C ASP A 291 6.78 6.90 5.54
N ARG A 292 7.99 7.43 5.33
CA ARG A 292 9.22 6.64 5.31
C ARG A 292 9.92 6.56 6.67
N SER A 293 10.20 7.73 7.28
CA SER A 293 11.03 7.79 8.49
C SER A 293 10.37 7.13 9.71
N ALA A 294 9.09 7.43 9.93
CA ALA A 294 8.33 6.80 11.02
C ALA A 294 8.19 5.30 10.83
N ALA A 295 7.89 4.87 9.62
CA ALA A 295 7.79 3.44 9.30
C ALA A 295 9.09 2.69 9.56
N TYR A 296 10.23 3.30 9.20
CA TYR A 296 11.55 2.74 9.53
C TYR A 296 11.78 2.71 11.03
N ALA A 297 11.38 3.79 11.73
CA ALA A 297 11.48 3.86 13.20
C ALA A 297 10.53 2.86 13.90
N ALA A 298 9.33 2.68 13.34
CA ALA A 298 8.36 1.74 13.90
C ALA A 298 8.83 0.30 13.80
N ARG A 299 9.47 -0.04 12.67
CA ARG A 299 10.15 -1.33 12.53
C ARG A 299 11.22 -1.49 13.59
N TRP A 300 12.03 -0.45 13.77
CA TRP A 300 13.10 -0.41 14.76
C TRP A 300 12.59 -0.72 16.18
N VAL A 301 11.46 -0.11 16.54
CA VAL A 301 10.80 -0.36 17.83
C VAL A 301 10.31 -1.81 17.90
N ALA A 302 9.56 -2.23 16.88
CA ALA A 302 9.02 -3.59 16.79
C ALA A 302 10.09 -4.68 16.89
N LYS A 303 11.21 -4.49 16.18
CA LYS A 303 12.31 -5.45 16.23
C LYS A 303 13.05 -5.43 17.57
N SER A 304 13.21 -4.24 18.15
CA SER A 304 13.85 -4.10 19.46
C SER A 304 13.07 -4.81 20.57
N LEU A 305 11.75 -4.68 20.56
CA LEU A 305 10.88 -5.35 21.55
C LEU A 305 10.93 -6.88 21.47
N VAL A 306 11.03 -7.43 20.26
CA VAL A 306 11.17 -8.87 20.07
C VAL A 306 12.57 -9.33 20.50
N LYS A 307 13.60 -8.64 19.99
CA LYS A 307 14.99 -8.99 20.31
C LYS A 307 15.35 -8.92 21.80
N ALA A 308 14.68 -8.05 22.55
CA ALA A 308 14.88 -7.95 24.01
C ALA A 308 14.22 -9.10 24.81
N GLY A 309 13.34 -9.87 24.18
CA GLY A 309 12.65 -10.98 24.84
C GLY A 309 11.40 -10.56 25.60
N LEU A 310 10.93 -9.33 25.36
CA LEU A 310 9.68 -8.83 25.95
C LEU A 310 8.46 -9.44 25.27
N CYS A 311 8.62 -9.83 24.01
CA CYS A 311 7.57 -10.48 23.23
C CYS A 311 8.19 -11.39 22.16
N ARG A 312 7.34 -12.16 21.49
CA ARG A 312 7.73 -12.97 20.34
C ARG A 312 7.21 -12.41 19.00
N ARG A 313 6.16 -11.59 19.06
CA ARG A 313 5.48 -11.08 17.89
C ARG A 313 4.76 -9.80 18.30
N VAL A 314 4.97 -8.71 17.55
CA VAL A 314 4.37 -7.42 17.90
C VAL A 314 4.01 -6.58 16.67
N LEU A 315 2.88 -5.88 16.75
CA LEU A 315 2.47 -4.88 15.77
C LEU A 315 2.38 -3.53 16.49
N VAL A 316 3.13 -2.55 16.00
CA VAL A 316 3.17 -1.21 16.60
C VAL A 316 2.56 -0.23 15.61
N GLN A 317 1.63 0.62 16.08
CA GLN A 317 1.10 1.73 15.27
C GLN A 317 1.54 3.06 15.86
N VAL A 318 1.95 3.98 14.98
CA VAL A 318 2.27 5.35 15.35
C VAL A 318 1.56 6.29 14.37
N SER A 319 1.09 7.44 14.86
CA SER A 319 0.40 8.42 14.02
C SER A 319 0.82 9.86 14.31
N TYR A 320 0.73 10.70 13.29
CA TYR A 320 1.18 12.10 13.36
C TYR A 320 0.14 13.08 12.85
N ALA A 321 0.37 14.35 13.16
CA ALA A 321 -0.39 15.47 12.60
C ALA A 321 0.61 16.45 11.98
N ILE A 322 0.22 17.09 10.89
CA ILE A 322 1.09 18.03 10.17
C ILE A 322 1.43 19.26 11.04
N GLY A 323 2.72 19.44 11.32
CA GLY A 323 3.20 20.53 12.17
C GLY A 323 3.43 20.19 13.64
N VAL A 324 3.04 18.99 14.07
CA VAL A 324 3.24 18.52 15.45
C VAL A 324 4.39 17.52 15.45
N ALA A 325 5.41 17.76 16.29
CA ALA A 325 6.60 16.89 16.35
C ALA A 325 6.31 15.55 17.03
N GLU A 326 5.70 15.62 18.21
CA GLU A 326 5.40 14.44 19.03
C GLU A 326 4.27 13.61 18.39
N PRO A 327 4.40 12.26 18.36
CA PRO A 327 3.31 11.41 17.85
C PRO A 327 1.96 11.62 18.54
N LEU A 328 0.87 11.59 17.77
CA LEU A 328 -0.47 11.70 18.32
C LEU A 328 -0.80 10.50 19.21
N SER A 329 -0.59 9.29 18.67
CA SER A 329 -0.83 8.05 19.39
C SER A 329 0.26 7.03 19.10
N ILE A 330 0.50 6.15 20.07
CA ILE A 330 1.32 4.95 19.88
C ILE A 330 0.55 3.78 20.46
N SER A 331 0.43 2.71 19.67
CA SER A 331 -0.30 1.51 20.09
C SER A 331 0.57 0.27 19.95
N ILE A 332 0.44 -0.65 20.88
CA ILE A 332 1.19 -1.91 20.91
C ILE A 332 0.20 -3.08 20.89
N PHE A 333 0.42 -4.01 19.95
CA PHE A 333 -0.38 -5.24 19.90
C PHE A 333 0.58 -6.44 19.80
N THR A 334 0.61 -7.26 20.85
CA THR A 334 1.59 -8.33 20.98
C THR A 334 1.03 -9.73 20.69
N TYR A 335 -0.22 -9.81 20.21
CA TYR A 335 -0.90 -11.10 19.96
C TYR A 335 -0.92 -12.04 21.19
N GLY A 336 -0.92 -11.46 22.39
CA GLY A 336 -0.81 -12.24 23.62
C GLY A 336 0.53 -12.89 23.92
N THR A 337 1.55 -12.70 23.08
CA THR A 337 2.87 -13.29 23.33
C THR A 337 3.71 -12.51 24.34
N SER A 338 3.29 -11.28 24.68
CA SER A 338 3.99 -10.48 25.68
C SER A 338 3.71 -10.97 27.08
N GLN A 339 4.72 -10.87 27.95
CA GLN A 339 4.58 -11.20 29.36
C GLN A 339 3.93 -10.00 30.05
N LYS A 340 4.55 -8.83 29.88
CA LYS A 340 3.96 -7.57 30.33
C LYS A 340 2.72 -7.23 29.52
N THR A 341 1.91 -6.32 30.05
CA THR A 341 0.77 -5.80 29.33
C THR A 341 1.24 -4.84 28.24
N GLU A 342 0.45 -4.73 27.18
CA GLU A 342 0.70 -3.79 26.09
C GLU A 342 0.74 -2.35 26.61
N ARG A 343 -0.12 -2.04 27.58
CA ARG A 343 -0.09 -0.75 28.29
C ARG A 343 1.25 -0.52 29.01
N GLU A 344 1.74 -1.56 29.69
CA GLU A 344 3.07 -1.51 30.32
C GLU A 344 4.16 -1.31 29.28
N LEU A 345 4.12 -2.08 28.19
CA LEU A 345 5.10 -1.97 27.10
C LEU A 345 5.14 -0.59 26.43
N LEU A 346 4.00 0.11 26.41
CA LEU A 346 3.96 1.52 25.97
C LEU A 346 4.92 2.40 26.78
N ASP A 347 4.97 2.17 28.09
CA ASP A 347 5.89 2.89 28.99
C ASP A 347 7.34 2.58 28.66
N VAL A 348 7.62 1.33 28.30
CA VAL A 348 8.97 0.88 27.91
C VAL A 348 9.46 1.59 26.64
N VAL A 349 8.56 1.75 25.67
CA VAL A 349 8.86 2.42 24.40
C VAL A 349 9.01 3.94 24.62
N HIS A 350 8.12 4.52 25.42
CA HIS A 350 8.21 5.95 25.79
C HIS A 350 9.53 6.32 26.48
N LYS A 351 10.06 5.42 27.30
CA LYS A 351 11.31 5.65 28.04
C LYS A 351 12.59 5.35 27.25
N ASN A 352 12.51 4.43 26.28
CA ASN A 352 13.67 4.03 25.47
C ASN A 352 13.76 4.68 24.08
N PHE A 353 12.67 5.27 23.59
CA PHE A 353 12.64 5.87 22.25
C PHE A 353 12.04 7.27 22.27
N ASP A 354 12.52 8.10 21.35
CA ASP A 354 11.93 9.40 21.02
C ASP A 354 11.57 9.32 19.53
N LEU A 355 10.27 9.35 19.25
CA LEU A 355 9.76 9.13 17.89
C LEU A 355 9.28 10.41 17.21
N ARG A 356 9.92 11.54 17.53
CA ARG A 356 9.74 12.76 16.76
C ARG A 356 10.62 12.63 15.50
N PRO A 357 10.12 13.02 14.32
CA PRO A 357 10.84 12.83 13.05
C PRO A 357 12.31 13.27 13.06
N GLY A 358 12.58 14.45 13.63
CA GLY A 358 13.93 14.99 13.71
C GLY A 358 14.91 14.20 14.57
N VAL A 359 14.39 13.51 15.59
CA VAL A 359 15.20 12.60 16.39
C VAL A 359 15.37 11.27 15.64
N ILE A 360 14.33 10.85 14.93
CA ILE A 360 14.35 9.60 14.14
C ILE A 360 15.49 9.61 13.10
N VAL A 361 15.65 10.74 12.39
CA VAL A 361 16.76 10.90 11.43
C VAL A 361 18.14 10.83 12.09
N ARG A 362 18.27 11.43 13.27
CA ARG A 362 19.54 11.42 14.03
C ARG A 362 19.93 10.02 14.49
N ASP A 363 18.97 9.30 15.07
CA ASP A 363 19.19 7.95 15.56
C ASP A 363 19.54 6.98 14.43
N LEU A 364 18.83 7.10 13.32
CA LEU A 364 18.94 6.15 12.20
C LEU A 364 19.89 6.61 11.06
N ASP A 365 20.47 7.80 11.17
CA ASP A 365 21.47 8.29 10.20
C ASP A 365 20.89 8.35 8.78
N LEU A 366 19.73 8.99 8.66
CA LEU A 366 18.92 8.96 7.43
C LEU A 366 19.29 10.01 6.35
N LYS A 367 20.30 10.82 6.60
CA LYS A 367 20.83 11.74 5.57
C LYS A 367 21.80 11.07 4.60
N LYS A 368 22.20 9.83 4.90
CA LYS A 368 23.09 9.08 4.02
C LYS A 368 22.36 8.61 2.74
N PRO A 369 23.09 8.56 1.60
CA PRO A 369 22.52 8.06 0.35
C PRO A 369 22.51 6.53 0.28
N ILE A 370 21.60 5.90 1.03
CA ILE A 370 21.52 4.43 1.15
C ILE A 370 20.14 3.85 0.73
N TYR A 371 19.39 4.63 -0.05
CA TYR A 371 17.98 4.32 -0.33
C TYR A 371 17.73 3.45 -1.56
N GLN A 372 18.60 3.51 -2.56
CA GLN A 372 18.44 2.64 -3.74
C GLN A 372 18.48 1.16 -3.37
N LYS A 373 19.31 0.80 -2.38
CA LYS A 373 19.38 -0.57 -1.87
C LYS A 373 18.08 -1.05 -1.19
N THR A 374 17.31 -0.12 -0.63
CA THR A 374 16.01 -0.45 -0.04
C THR A 374 14.92 -0.70 -1.10
N ALA A 375 15.12 -0.20 -2.31
CA ALA A 375 14.10 -0.20 -3.35
C ALA A 375 13.79 -1.56 -3.99
N CYS A 376 14.60 -2.58 -3.70
CA CYS A 376 14.27 -3.97 -4.03
C CYS A 376 14.64 -4.90 -2.88
N TYR A 377 14.00 -6.06 -2.84
CA TYR A 377 14.24 -7.12 -1.84
C TYR A 377 13.75 -6.79 -0.42
N GLY A 378 12.85 -5.82 -0.30
CA GLY A 378 12.27 -5.43 0.98
C GLY A 378 13.09 -4.36 1.68
N HIS A 379 12.38 -3.45 2.34
CA HIS A 379 13.00 -2.43 3.17
C HIS A 379 13.36 -2.96 4.56
N PHE A 380 12.76 -4.09 4.94
CA PHE A 380 12.98 -4.70 6.26
C PHE A 380 13.47 -6.14 6.16
N GLY A 381 14.26 -6.54 7.16
CA GLY A 381 14.86 -7.86 7.26
C GLY A 381 16.36 -7.92 7.01
N ARG A 382 16.97 -6.80 6.63
CA ARG A 382 18.37 -6.77 6.20
C ARG A 382 19.21 -5.94 7.17
N SER A 383 20.05 -6.62 7.95
CA SER A 383 20.77 -6.00 9.09
C SER A 383 21.76 -4.87 8.71
N GLU A 384 22.13 -4.79 7.44
CA GLU A 384 22.92 -3.66 6.89
C GLU A 384 22.33 -2.26 7.11
N PHE A 385 21.00 -2.15 7.22
CA PHE A 385 20.34 -0.86 7.45
C PHE A 385 20.22 -0.54 8.93
N PRO A 386 20.44 0.74 9.34
CA PRO A 386 20.43 1.13 10.77
C PRO A 386 19.14 0.83 11.56
N TRP A 387 18.00 0.81 10.89
CA TRP A 387 16.71 0.47 11.53
C TRP A 387 16.51 -1.03 11.79
N GLU A 388 17.40 -1.87 11.25
CA GLU A 388 17.40 -3.32 11.52
C GLU A 388 18.34 -3.75 12.64
N VAL A 389 19.23 -2.86 13.10
CA VAL A 389 20.06 -3.11 14.28
C VAL A 389 19.23 -2.69 15.50
N PRO A 390 18.89 -3.65 16.39
CA PRO A 390 17.98 -3.34 17.49
C PRO A 390 18.66 -2.54 18.60
N ARG A 391 17.86 -1.74 19.32
CA ARG A 391 18.33 -0.99 20.48
C ARG A 391 18.15 -1.85 21.73
N LYS A 392 19.19 -1.95 22.56
CA LYS A 392 19.08 -2.59 23.85
C LYS A 392 18.21 -1.73 24.76
N LEU A 393 17.17 -2.34 25.31
CA LEU A 393 16.13 -1.62 26.07
C LEU A 393 16.39 -1.67 27.56
N VAL A 394 16.27 -0.51 28.21
CA VAL A 394 16.18 -0.42 29.66
C VAL A 394 14.72 -0.65 30.06
N PHE A 395 14.39 -1.89 30.43
CA PHE A 395 13.07 -2.25 30.97
C PHE A 395 13.24 -2.85 32.36
CA GLY B 16 -7.89 -3.61 27.90
C GLY B 16 -8.16 -2.51 26.89
N VAL B 17 -7.73 -1.29 27.22
CA VAL B 17 -7.90 -0.13 26.35
C VAL B 17 -6.70 0.03 25.42
N PHE B 18 -6.99 0.42 24.17
CA PHE B 18 -5.96 0.74 23.18
C PHE B 18 -6.46 1.81 22.20
N MET B 19 -5.53 2.48 21.53
CA MET B 19 -5.85 3.50 20.52
C MET B 19 -5.69 2.93 19.11
N PHE B 20 -6.42 3.53 18.16
CA PHE B 20 -6.23 3.19 16.74
C PHE B 20 -6.60 4.37 15.85
N THR B 21 -5.78 4.59 14.82
CA THR B 21 -5.90 5.73 13.92
C THR B 21 -6.07 5.26 12.48
N SER B 22 -6.98 5.91 11.77
CA SER B 22 -7.14 5.78 10.32
C SER B 22 -7.15 7.17 9.71
N GLU B 23 -6.75 7.26 8.43
CA GLU B 23 -6.84 8.52 7.68
C GLU B 23 -7.74 8.37 6.47
N SER B 24 -8.10 9.50 5.90
CA SER B 24 -8.84 9.55 4.65
C SER B 24 -8.57 10.89 3.98
N VAL B 25 -8.80 10.94 2.68
CA VAL B 25 -8.59 12.16 1.88
C VAL B 25 -9.81 12.44 1.03
N GLY B 26 -9.97 13.70 0.65
CA GLY B 26 -11.13 14.14 -0.13
C GLY B 26 -10.95 13.92 -1.62
N GLU B 27 -11.95 14.33 -2.38
CA GLU B 27 -11.93 14.21 -3.83
C GLU B 27 -10.82 15.02 -4.50
N GLY B 28 -10.41 16.14 -3.88
CA GLY B 28 -9.39 17.02 -4.44
C GLY B 28 -7.94 16.72 -4.08
N HIS B 29 -7.71 15.70 -3.27
CA HIS B 29 -6.35 15.25 -2.99
C HIS B 29 -5.75 14.66 -4.28
N PRO B 30 -4.51 15.08 -4.65
CA PRO B 30 -3.88 14.65 -5.90
C PRO B 30 -3.94 13.15 -6.21
N ASP B 31 -3.62 12.32 -5.23
CA ASP B 31 -3.70 10.87 -5.38
C ASP B 31 -5.13 10.39 -5.69
N LYS B 32 -6.11 10.95 -4.99
CA LYS B 32 -7.51 10.55 -5.20
C LYS B 32 -8.09 11.08 -6.53
N ILE B 33 -7.62 12.24 -6.98
CA ILE B 33 -7.97 12.75 -8.32
C ILE B 33 -7.61 11.69 -9.37
N CYS B 34 -6.40 11.15 -9.23
CA CYS B 34 -5.89 10.14 -10.15
C CYS B 34 -6.65 8.81 -10.07
N ASP B 35 -7.05 8.43 -8.85
CA ASP B 35 -7.93 7.26 -8.67
C ASP B 35 -9.29 7.47 -9.34
N GLN B 36 -9.89 8.65 -9.17
CA GLN B 36 -11.20 8.97 -9.77
C GLN B 36 -11.17 9.02 -11.29
N ILE B 37 -10.14 9.66 -11.85
CA ILE B 37 -9.94 9.72 -13.30
C ILE B 37 -9.74 8.31 -13.85
N SER B 38 -8.92 7.52 -13.17
CA SER B 38 -8.62 6.14 -13.61
C SER B 38 -9.89 5.29 -13.76
N ASP B 39 -10.78 5.37 -12.77
CA ASP B 39 -12.05 4.65 -12.81
C ASP B 39 -13.10 5.30 -13.73
N ALA B 40 -13.06 6.62 -13.86
CA ALA B 40 -13.90 7.31 -14.84
C ALA B 40 -13.59 6.81 -16.27
N VAL B 41 -12.30 6.63 -16.55
CA VAL B 41 -11.85 6.02 -17.80
C VAL B 41 -12.37 4.58 -17.92
N LEU B 42 -12.29 3.81 -16.83
CA LEU B 42 -12.81 2.43 -16.80
C LEU B 42 -14.30 2.36 -17.14
N ASP B 43 -15.10 3.21 -16.49
CA ASP B 43 -16.55 3.27 -16.72
C ASP B 43 -16.89 3.62 -18.18
N ALA B 44 -16.18 4.60 -18.74
CA ALA B 44 -16.37 5.01 -20.13
C ALA B 44 -16.25 3.85 -21.13
N HIS B 45 -15.25 2.99 -20.91
CA HIS B 45 -15.06 1.78 -21.72
C HIS B 45 -16.17 0.75 -21.50
N LEU B 46 -16.51 0.49 -20.24
CA LEU B 46 -17.52 -0.53 -19.88
C LEU B 46 -18.94 -0.19 -20.35
N LYS B 47 -19.25 1.11 -20.47
CA LYS B 47 -20.51 1.57 -21.08
C LYS B 47 -20.68 1.17 -22.56
N GLN B 48 -19.56 1.01 -23.27
CA GLN B 48 -19.56 0.63 -24.70
C GLN B 48 -19.11 -0.81 -24.94
N ASP B 49 -18.05 -1.25 -24.26
CA ASP B 49 -17.55 -2.63 -24.33
C ASP B 49 -17.44 -3.18 -22.90
N PRO B 50 -18.43 -4.02 -22.48
CA PRO B 50 -18.40 -4.56 -21.12
C PRO B 50 -17.27 -5.55 -20.82
N ASN B 51 -16.59 -6.06 -21.85
CA ASN B 51 -15.42 -6.94 -21.69
C ASN B 51 -14.08 -6.23 -21.96
N ALA B 52 -14.07 -4.89 -21.82
CA ALA B 52 -12.87 -4.10 -22.09
C ALA B 52 -11.83 -4.30 -21.00
N LYS B 53 -10.62 -4.68 -21.41
CA LYS B 53 -9.49 -4.82 -20.49
C LYS B 53 -8.80 -3.47 -20.34
N VAL B 54 -8.79 -2.93 -19.12
CA VAL B 54 -8.25 -1.60 -18.83
C VAL B 54 -7.26 -1.68 -17.68
N ALA B 55 -6.10 -1.06 -17.86
CA ALA B 55 -5.13 -0.83 -16.78
C ALA B 55 -4.57 0.58 -16.96
N CYS B 56 -5.27 1.55 -16.37
CA CYS B 56 -5.05 2.97 -16.62
C CYS B 56 -4.49 3.69 -15.39
N GLU B 57 -3.18 4.00 -15.43
CA GLU B 57 -2.50 4.72 -14.36
C GLU B 57 -2.51 6.21 -14.67
N THR B 58 -3.12 7.00 -13.78
CA THR B 58 -3.18 8.46 -13.94
C THR B 58 -2.14 9.13 -13.03
N VAL B 59 -1.37 10.06 -13.60
CA VAL B 59 -0.47 10.91 -12.84
C VAL B 59 -0.94 12.35 -13.06
N CYS B 60 -0.88 13.18 -12.01
CA CYS B 60 -1.25 14.59 -12.15
C CYS B 60 -0.26 15.52 -11.45
N LYS B 61 0.01 16.65 -12.10
CA LYS B 61 0.78 17.75 -11.50
C LYS B 61 0.44 19.07 -12.20
N THR B 62 0.14 20.10 -11.40
CA THR B 62 -0.07 21.49 -11.86
C THR B 62 -0.72 21.66 -13.24
N GLY B 63 -1.97 21.24 -13.35
CA GLY B 63 -2.73 21.37 -14.58
C GLY B 63 -2.24 20.51 -15.74
N MET B 64 -1.65 19.37 -15.40
CA MET B 64 -1.27 18.36 -16.38
C MET B 64 -1.72 17.01 -15.86
N VAL B 65 -2.28 16.20 -16.76
CA VAL B 65 -2.73 14.86 -16.43
C VAL B 65 -2.16 13.92 -17.50
N LEU B 66 -1.50 12.86 -17.04
CA LEU B 66 -0.97 11.84 -17.94
C LEU B 66 -1.66 10.52 -17.63
N LEU B 67 -2.27 9.92 -18.66
CA LEU B 67 -2.82 8.55 -18.58
C LEU B 67 -1.81 7.57 -19.19
N CYS B 68 -1.51 6.49 -18.47
CA CYS B 68 -0.49 5.53 -18.89
C CYS B 68 -0.90 4.10 -18.54
N GLY B 69 -0.62 3.17 -19.45
CA GLY B 69 -0.92 1.75 -19.27
C GLY B 69 -1.48 1.09 -20.52
N GLU B 70 -2.25 0.02 -20.31
CA GLU B 70 -2.71 -0.86 -21.38
C GLU B 70 -4.23 -0.85 -21.47
N ILE B 71 -4.76 -0.86 -22.69
CA ILE B 71 -6.20 -1.00 -22.93
C ILE B 71 -6.44 -1.97 -24.10
N THR B 72 -7.52 -2.75 -24.01
CA THR B 72 -7.98 -3.61 -25.10
C THR B 72 -9.51 -3.57 -25.14
N SER B 73 -10.05 -2.71 -26.01
CA SER B 73 -11.47 -2.39 -26.03
C SER B 73 -11.95 -2.03 -27.43
N MET B 74 -13.22 -2.34 -27.71
CA MET B 74 -13.89 -1.88 -28.93
C MET B 74 -14.57 -0.52 -28.73
N ALA B 75 -14.49 0.03 -27.51
CA ALA B 75 -15.00 1.37 -27.22
C ALA B 75 -14.09 2.44 -27.82
N MET B 76 -14.67 3.61 -28.06
CA MET B 76 -13.93 4.81 -28.43
C MET B 76 -14.25 5.87 -27.39
N VAL B 77 -13.24 6.27 -26.63
CA VAL B 77 -13.40 7.11 -25.45
C VAL B 77 -12.80 8.49 -25.70
N ASP B 78 -13.55 9.52 -25.34
CA ASP B 78 -13.07 10.90 -25.36
C ASP B 78 -12.34 11.14 -24.04
N TYR B 79 -11.07 10.72 -24.00
CA TYR B 79 -10.25 10.80 -22.78
C TYR B 79 -10.15 12.23 -22.26
N GLN B 80 -10.03 13.20 -23.17
CA GLN B 80 -10.00 14.60 -22.79
C GLN B 80 -11.27 15.00 -22.04
N ARG B 81 -12.43 14.59 -22.56
CA ARG B 81 -13.71 14.90 -21.93
C ARG B 81 -13.90 14.13 -20.62
N VAL B 82 -13.51 12.85 -20.61
CA VAL B 82 -13.57 12.02 -19.40
C VAL B 82 -12.75 12.65 -18.26
N VAL B 83 -11.51 13.03 -18.58
CA VAL B 83 -10.58 13.63 -17.61
C VAL B 83 -11.11 14.97 -17.11
N ARG B 84 -11.51 15.84 -18.03
CA ARG B 84 -11.93 17.20 -17.68
C ARG B 84 -13.25 17.26 -16.92
N ASP B 85 -14.20 16.39 -17.27
CA ASP B 85 -15.47 16.28 -16.52
C ASP B 85 -15.22 15.84 -15.08
N THR B 86 -14.40 14.80 -14.91
CA THR B 86 -14.00 14.33 -13.57
C THR B 86 -13.44 15.45 -12.70
N ILE B 87 -12.50 16.20 -13.25
CA ILE B 87 -11.87 17.34 -12.54
C ILE B 87 -12.88 18.45 -12.24
N LYS B 88 -13.74 18.75 -13.20
CA LYS B 88 -14.84 19.72 -13.02
C LYS B 88 -15.75 19.27 -11.88
N HIS B 89 -16.16 17.99 -11.93
CA HIS B 89 -17.04 17.41 -10.91
C HIS B 89 -16.42 17.43 -9.51
N ILE B 90 -15.11 17.18 -9.41
CA ILE B 90 -14.38 17.28 -8.13
C ILE B 90 -14.51 18.68 -7.50
N GLY B 91 -14.52 19.71 -8.34
CA GLY B 91 -14.69 21.12 -7.92
C GLY B 91 -13.67 22.14 -8.42
N TYR B 92 -12.81 21.74 -9.36
CA TYR B 92 -11.76 22.61 -9.89
C TYR B 92 -12.18 23.37 -11.17
N ASP B 93 -12.67 24.58 -10.93
CA ASP B 93 -13.16 25.49 -11.97
C ASP B 93 -12.17 26.56 -12.36
N ASP B 94 -11.36 27.03 -11.39
CA ASP B 94 -10.34 28.04 -11.69
C ASP B 94 -9.25 28.03 -10.62
N SER B 95 -8.01 28.23 -11.05
CA SER B 95 -6.84 28.25 -10.15
C SER B 95 -6.81 29.54 -9.31
N PHE B 99 -5.59 24.47 -9.82
CA PHE B 99 -6.04 23.51 -10.84
C PHE B 99 -7.26 24.09 -11.57
N ASP B 100 -7.39 23.76 -12.85
CA ASP B 100 -8.53 24.15 -13.65
C ASP B 100 -8.81 23.06 -14.67
N PHE B 101 -10.09 22.72 -14.88
CA PHE B 101 -10.51 21.76 -15.90
C PHE B 101 -10.47 22.33 -17.33
N LYS B 102 -10.49 23.66 -17.48
CA LYS B 102 -10.50 24.28 -18.83
C LYS B 102 -9.13 24.39 -19.48
N THR B 103 -8.14 24.71 -18.65
CA THR B 103 -6.74 24.89 -19.10
C THR B 103 -5.86 23.66 -18.82
N CYS B 104 -6.49 22.49 -18.70
CA CYS B 104 -5.83 21.28 -18.19
C CYS B 104 -5.24 20.45 -19.33
N ASN B 105 -3.93 20.18 -19.26
CA ASN B 105 -3.26 19.34 -20.25
C ASN B 105 -3.55 17.87 -20.03
N VAL B 106 -3.93 17.17 -21.10
CA VAL B 106 -4.23 15.75 -21.06
C VAL B 106 -3.32 15.04 -22.06
N LEU B 107 -2.25 14.43 -21.54
CA LEU B 107 -1.39 13.56 -22.34
C LEU B 107 -1.90 12.14 -22.21
N VAL B 108 -2.30 11.54 -23.31
CA VAL B 108 -2.75 10.15 -23.31
C VAL B 108 -1.67 9.27 -23.92
N ALA B 109 -1.10 8.40 -23.08
CA ALA B 109 -0.10 7.42 -23.49
C ALA B 109 -0.57 6.04 -23.06
N LEU B 110 -1.63 5.58 -23.70
CA LEU B 110 -2.25 4.29 -23.39
C LEU B 110 -2.10 3.34 -24.57
N GLU B 111 -1.33 2.28 -24.37
CA GLU B 111 -1.09 1.27 -25.39
C GLU B 111 -2.36 0.47 -25.63
N GLN B 112 -2.61 0.16 -26.90
CA GLN B 112 -3.71 -0.70 -27.34
C GLN B 112 -3.15 -2.03 -27.86
N GLN B 113 -3.82 -3.13 -27.56
CA GLN B 113 -3.38 -4.46 -28.02
C GLN B 113 -4.50 -5.24 -28.73
N SER B 114 -4.09 -6.14 -29.63
CA SER B 114 -4.99 -6.91 -30.50
C SER B 114 -5.80 -5.97 -31.43
N GLU B 128 -16.15 -19.76 -17.36
CA GLU B 128 -16.35 -19.79 -15.92
C GLU B 128 -15.11 -20.32 -15.16
N ASP B 129 -14.31 -21.18 -15.81
CA ASP B 129 -13.12 -21.79 -15.20
C ASP B 129 -11.82 -21.19 -15.75
N VAL B 130 -11.86 -19.97 -16.29
CA VAL B 130 -10.66 -19.29 -16.78
C VAL B 130 -9.71 -18.97 -15.62
N GLY B 131 -8.42 -19.16 -15.85
CA GLY B 131 -7.40 -18.96 -14.82
C GLY B 131 -7.25 -17.50 -14.42
N ALA B 132 -6.76 -17.27 -13.20
CA ALA B 132 -6.51 -15.93 -12.70
C ALA B 132 -5.52 -15.20 -13.59
N GLY B 133 -5.79 -13.92 -13.86
CA GLY B 133 -4.95 -13.10 -14.73
C GLY B 133 -3.58 -12.79 -14.18
N ASP B 134 -3.42 -12.90 -12.85
CA ASP B 134 -2.13 -12.74 -12.20
C ASP B 134 -2.11 -13.51 -10.88
N GLN B 135 -0.94 -13.57 -10.25
CA GLN B 135 -0.80 -13.98 -8.85
C GLN B 135 -1.26 -12.84 -7.91
N GLY B 136 -1.22 -13.10 -6.61
CA GLY B 136 -1.42 -12.05 -5.61
C GLY B 136 -2.10 -12.48 -4.32
N LEU B 137 -2.01 -11.60 -3.32
CA LEU B 137 -2.66 -11.75 -2.02
C LEU B 137 -3.78 -10.73 -1.95
N MET B 138 -4.91 -11.12 -1.37
CA MET B 138 -6.03 -10.21 -1.13
C MET B 138 -6.62 -10.48 0.24
N PHE B 139 -7.09 -9.42 0.91
CA PHE B 139 -7.64 -9.53 2.25
C PHE B 139 -9.05 -8.95 2.32
N GLY B 140 -9.91 -9.68 3.04
CA GLY B 140 -11.24 -9.21 3.41
C GLY B 140 -11.31 -9.09 4.92
N TYR B 141 -11.94 -8.03 5.40
CA TYR B 141 -12.04 -7.77 6.84
C TYR B 141 -13.40 -7.14 7.16
N ALA B 142 -13.94 -7.50 8.32
CA ALA B 142 -15.19 -6.94 8.83
C ALA B 142 -15.17 -6.91 10.35
N THR B 143 -15.98 -6.04 10.93
CA THR B 143 -16.05 -5.85 12.37
C THR B 143 -17.42 -5.29 12.76
N ASP B 144 -18.09 -5.90 13.73
CA ASP B 144 -19.49 -5.53 14.07
C ASP B 144 -19.64 -4.29 14.97
N GLU B 145 -18.62 -3.43 14.99
CA GLU B 145 -18.66 -2.17 15.73
C GLU B 145 -19.56 -1.10 15.09
N THR B 146 -19.59 -1.05 13.75
CA THR B 146 -20.54 -0.22 13.01
C THR B 146 -21.55 -1.08 12.26
N GLU B 147 -22.66 -0.45 11.88
CA GLU B 147 -23.73 -1.12 11.13
C GLU B 147 -23.28 -1.62 9.75
N GLU B 148 -22.38 -0.87 9.12
CA GLU B 148 -21.80 -1.27 7.81
C GLU B 148 -20.57 -2.20 7.95
N CYS B 149 -20.39 -2.79 9.13
CA CYS B 149 -19.35 -3.79 9.42
C CYS B 149 -17.92 -3.32 9.10
N MET B 150 -17.65 -2.04 9.40
CA MET B 150 -16.34 -1.44 9.16
C MET B 150 -15.81 -0.77 10.43
N PRO B 151 -14.48 -0.56 10.51
CA PRO B 151 -13.93 0.21 11.63
C PRO B 151 -14.47 1.64 11.67
N LEU B 152 -14.81 2.12 12.86
CA LEU B 152 -15.33 3.48 13.03
C LEU B 152 -14.30 4.54 12.61
N THR B 153 -13.03 4.26 12.87
CA THR B 153 -11.92 5.19 12.57
C THR B 153 -11.92 5.63 11.11
N ILE B 154 -11.98 4.66 10.20
CA ILE B 154 -12.01 4.93 8.76
C ILE B 154 -13.37 5.51 8.31
N ILE B 155 -14.47 4.98 8.84
CA ILE B 155 -15.83 5.44 8.48
C ILE B 155 -16.03 6.92 8.85
N LEU B 156 -15.58 7.31 10.05
CA LEU B 156 -15.60 8.72 10.46
C LEU B 156 -14.68 9.60 9.60
N ALA B 157 -13.49 9.10 9.29
CA ALA B 157 -12.54 9.83 8.42
C ALA B 157 -13.10 10.05 7.02
N HIS B 158 -13.83 9.06 6.49
CA HIS B 158 -14.53 9.20 5.21
C HIS B 158 -15.68 10.20 5.28
N LYS B 159 -16.54 10.06 6.29
CA LYS B 159 -17.70 10.93 6.45
C LYS B 159 -17.35 12.41 6.68
N LEU B 160 -16.22 12.66 7.36
CA LEU B 160 -15.71 14.03 7.52
C LEU B 160 -15.43 14.70 6.17
N ASN B 161 -14.79 13.96 5.26
CA ASN B 161 -14.52 14.45 3.89
C ASN B 161 -15.79 14.61 3.06
N ALA B 162 -16.69 13.65 3.17
CA ALA B 162 -18.01 13.73 2.50
C ALA B 162 -18.86 14.89 3.01
N ARG B 163 -18.74 15.20 4.30
CA ARG B 163 -19.43 16.34 4.90
C ARG B 163 -18.92 17.65 4.33
N MET B 164 -17.59 17.83 4.34
CA MET B 164 -16.95 19.03 3.78
C MET B 164 -17.23 19.24 2.30
N ALA B 165 -17.26 18.15 1.54
CA ALA B 165 -17.63 18.19 0.13
C ALA B 165 -19.06 18.69 -0.07
N ASP B 166 -20.00 18.18 0.74
CA ASP B 166 -21.41 18.63 0.69
C ASP B 166 -21.59 20.10 1.07
N LEU B 167 -20.91 20.53 2.13
CA LEU B 167 -20.95 21.94 2.55
C LEU B 167 -20.28 22.89 1.54
N ARG B 168 -19.29 22.38 0.80
CA ARG B 168 -18.62 23.14 -0.27
C ARG B 168 -19.55 23.35 -1.46
N ARG B 169 -20.18 22.26 -1.92
CA ARG B 169 -21.05 22.29 -3.10
C ARG B 169 -22.38 23.03 -2.89
N SER B 170 -22.89 23.01 -1.65
CA SER B 170 -24.12 23.74 -1.28
C SER B 170 -23.88 25.23 -0.98
N GLY B 171 -22.61 25.63 -0.83
CA GLY B 171 -22.26 27.00 -0.54
C GLY B 171 -22.33 27.40 0.92
N LEU B 172 -22.67 26.46 1.82
CA LEU B 172 -22.81 26.75 3.25
C LEU B 172 -21.47 27.08 3.91
N LEU B 173 -20.39 26.47 3.41
CA LEU B 173 -19.03 26.93 3.68
C LEU B 173 -18.32 27.12 2.33
N PRO B 174 -18.55 28.27 1.66
CA PRO B 174 -18.07 28.45 0.29
C PRO B 174 -16.54 28.66 0.18
N TRP B 175 -15.90 29.02 1.29
CA TRP B 175 -14.43 29.10 1.38
C TRP B 175 -13.69 27.76 1.18
N LEU B 176 -14.38 26.63 1.38
CA LEU B 176 -13.80 25.29 1.17
C LEU B 176 -13.38 25.04 -0.27
N ARG B 177 -12.23 24.39 -0.44
CA ARG B 177 -11.76 23.88 -1.74
C ARG B 177 -11.60 22.36 -1.65
N PRO B 178 -11.61 21.65 -2.80
CA PRO B 178 -11.77 20.17 -2.80
C PRO B 178 -10.67 19.33 -2.14
N ASP B 179 -9.47 19.86 -1.99
CA ASP B 179 -8.35 19.09 -1.43
C ASP B 179 -8.43 19.09 0.10
N SER B 180 -8.77 17.93 0.67
CA SER B 180 -8.84 17.75 2.11
C SER B 180 -8.18 16.45 2.56
N LYS B 181 -7.81 16.43 3.83
CA LYS B 181 -7.21 15.26 4.47
C LYS B 181 -7.73 15.20 5.91
N THR B 182 -8.25 14.04 6.32
CA THR B 182 -8.80 13.84 7.66
C THR B 182 -8.15 12.62 8.31
N GLN B 183 -7.96 12.69 9.63
CA GLN B 183 -7.41 11.58 10.40
C GLN B 183 -8.14 11.49 11.74
N VAL B 184 -8.67 10.31 12.07
CA VAL B 184 -9.44 10.09 13.30
C VAL B 184 -8.78 8.99 14.12
N THR B 185 -8.33 9.35 15.34
CA THR B 185 -7.85 8.38 16.34
C THR B 185 -8.97 8.10 17.33
N VAL B 186 -9.28 6.82 17.53
CA VAL B 186 -10.36 6.38 18.42
C VAL B 186 -9.78 5.50 19.53
N GLN B 187 -10.42 5.57 20.69
CA GLN B 187 -10.03 4.86 21.91
C GLN B 187 -10.95 3.65 22.05
N TYR B 188 -10.37 2.45 22.07
CA TYR B 188 -11.11 1.19 22.02
C TYR B 188 -11.02 0.44 23.35
N MET B 189 -11.90 -0.54 23.52
CA MET B 189 -11.81 -1.50 24.63
C MET B 189 -11.96 -2.92 24.08
N GLN B 190 -11.05 -3.80 24.48
CA GLN B 190 -11.06 -5.20 24.03
C GLN B 190 -12.20 -5.96 24.73
N ASP B 191 -12.81 -6.90 24.00
CA ASP B 191 -13.93 -7.69 24.51
C ASP B 191 -13.85 -9.10 23.92
N ASN B 192 -12.91 -9.88 24.46
CA ASN B 192 -12.63 -11.26 24.03
C ASN B 192 -12.30 -11.35 22.54
N GLY B 193 -11.48 -10.43 22.07
CA GLY B 193 -11.05 -10.38 20.67
C GLY B 193 -11.82 -9.45 19.76
N ALA B 194 -13.04 -9.09 20.14
CA ALA B 194 -13.80 -8.04 19.47
C ALA B 194 -13.35 -6.67 19.99
N VAL B 195 -13.63 -5.61 19.23
CA VAL B 195 -13.23 -4.26 19.59
C VAL B 195 -14.46 -3.34 19.61
N ILE B 196 -14.58 -2.52 20.65
CA ILE B 196 -15.72 -1.62 20.83
C ILE B 196 -15.22 -0.17 21.03
N PRO B 197 -15.75 0.79 20.24
CA PRO B 197 -15.33 2.19 20.38
C PRO B 197 -15.89 2.87 21.64
N VAL B 198 -15.00 3.56 22.37
CA VAL B 198 -15.35 4.20 23.66
C VAL B 198 -15.48 5.72 23.49
N ARG B 199 -14.39 6.36 23.07
CA ARG B 199 -14.35 7.82 22.85
C ARG B 199 -13.48 8.21 21.65
N ILE B 200 -13.52 9.49 21.29
CA ILE B 200 -12.66 10.05 20.24
C ILE B 200 -11.39 10.62 20.86
N HIS B 201 -10.25 9.99 20.58
CA HIS B 201 -8.97 10.41 21.14
C HIS B 201 -8.49 11.71 20.50
N THR B 202 -8.37 11.70 19.17
CA THR B 202 -7.87 12.84 18.40
C THR B 202 -8.58 12.91 17.04
N ILE B 203 -8.82 14.14 16.56
CA ILE B 203 -9.28 14.40 15.19
C ILE B 203 -8.37 15.44 14.54
N VAL B 204 -7.99 15.17 13.29
CA VAL B 204 -7.17 16.07 12.49
C VAL B 204 -7.92 16.35 11.19
N ILE B 205 -8.03 17.63 10.81
CA ILE B 205 -8.58 18.03 9.51
C ILE B 205 -7.73 19.15 8.91
N SER B 206 -7.05 18.82 7.81
CA SER B 206 -6.41 19.81 6.94
C SER B 206 -7.27 19.89 5.68
N VAL B 207 -7.57 21.11 5.24
CA VAL B 207 -8.37 21.31 4.03
C VAL B 207 -7.99 22.61 3.33
N GLN B 208 -7.95 22.56 1.99
CA GLN B 208 -7.60 23.69 1.14
C GLN B 208 -8.69 24.78 1.26
N HIS B 209 -8.30 26.04 1.16
CA HIS B 209 -9.26 27.16 1.37
C HIS B 209 -9.01 28.39 0.49
N ASN B 210 -10.01 29.26 0.43
CA ASN B 210 -9.89 30.56 -0.24
C ASN B 210 -9.16 31.56 0.67
N GLU B 211 -8.75 32.68 0.09
CA GLU B 211 -8.00 33.72 0.80
C GLU B 211 -8.86 34.54 1.76
N ASP B 212 -10.16 34.66 1.47
CA ASP B 212 -11.06 35.57 2.21
C ASP B 212 -11.69 34.98 3.48
N ILE B 213 -10.91 34.25 4.28
CA ILE B 213 -11.37 33.68 5.56
C ILE B 213 -10.17 33.46 6.50
N THR B 214 -10.40 33.66 7.79
CA THR B 214 -9.37 33.52 8.82
C THR B 214 -9.36 32.12 9.44
N LEU B 215 -8.20 31.72 9.95
CA LEU B 215 -8.02 30.41 10.61
C LEU B 215 -9.05 30.10 11.69
N GLU B 216 -9.34 31.08 12.55
CA GLU B 216 -10.29 30.90 13.65
C GLU B 216 -11.72 30.66 13.17
N GLU B 217 -12.13 31.38 12.14
CA GLU B 217 -13.42 31.13 11.46
C GLU B 217 -13.52 29.69 10.98
N MET B 218 -12.44 29.22 10.34
CA MET B 218 -12.38 27.87 9.77
C MET B 218 -12.43 26.80 10.86
N ARG B 219 -11.54 26.92 11.83
CA ARG B 219 -11.42 25.96 12.94
C ARG B 219 -12.71 25.82 13.74
N ARG B 220 -13.38 26.95 13.99
CA ARG B 220 -14.69 26.97 14.63
C ARG B 220 -15.75 26.33 13.73
N ALA B 221 -15.75 26.72 12.46
CA ALA B 221 -16.65 26.13 11.46
C ALA B 221 -16.40 24.63 11.25
N LEU B 222 -15.14 24.21 11.38
CA LEU B 222 -14.76 22.80 11.30
C LEU B 222 -15.38 21.99 12.45
N LYS B 223 -15.27 22.50 13.69
CA LYS B 223 -15.81 21.81 14.86
C LYS B 223 -17.34 21.72 14.84
N GLU B 224 -18.00 22.84 14.60
CA GLU B 224 -19.46 22.91 14.68
C GLU B 224 -20.15 22.27 13.47
N GLN B 225 -19.90 22.80 12.27
CA GLN B 225 -20.66 22.39 11.08
C GLN B 225 -20.21 21.08 10.42
N VAL B 226 -18.98 20.61 10.71
CA VAL B 226 -18.47 19.35 10.17
C VAL B 226 -18.43 18.24 11.22
N ILE B 227 -17.62 18.42 12.26
CA ILE B 227 -17.36 17.37 13.26
C ILE B 227 -18.62 17.00 14.06
N ARG B 228 -19.34 18.00 14.58
CA ARG B 228 -20.59 17.75 15.34
C ARG B 228 -21.68 17.08 14.47
N ALA B 229 -21.73 17.44 13.20
CA ALA B 229 -22.66 16.80 12.25
C ALA B 229 -22.27 15.36 11.90
N VAL B 230 -20.97 15.08 11.88
CA VAL B 230 -20.43 13.76 11.50
C VAL B 230 -20.38 12.79 12.68
N VAL B 231 -19.70 13.20 13.75
CA VAL B 231 -19.41 12.30 14.88
C VAL B 231 -20.57 12.34 15.89
N PRO B 232 -21.08 11.15 16.29
CA PRO B 232 -22.04 11.07 17.40
C PRO B 232 -21.52 11.68 18.70
N ALA B 233 -22.36 12.51 19.34
CA ALA B 233 -21.98 13.27 20.53
C ALA B 233 -21.56 12.41 21.73
N LYS B 234 -22.12 11.20 21.81
CA LYS B 234 -21.69 10.22 22.83
C LYS B 234 -20.19 9.92 22.83
N TYR B 235 -19.57 9.95 21.64
CA TYR B 235 -18.12 9.70 21.49
C TYR B 235 -17.24 10.93 21.78
N LEU B 236 -17.81 12.13 21.69
CA LEU B 236 -17.05 13.38 21.86
C LEU B 236 -17.06 13.87 23.31
N ASP B 237 -15.90 14.30 23.81
CA ASP B 237 -15.81 14.96 25.14
C ASP B 237 -14.81 16.09 25.11
N GLU B 238 -14.74 16.88 26.19
CA GLU B 238 -13.89 18.06 26.27
C GLU B 238 -12.39 17.79 26.37
N ASP B 239 -12.01 16.53 26.60
CA ASP B 239 -10.59 16.09 26.55
C ASP B 239 -10.12 15.57 25.19
N THR B 240 -10.99 15.58 24.18
CA THR B 240 -10.63 15.26 22.80
C THR B 240 -9.74 16.36 22.21
N VAL B 241 -8.69 15.94 21.48
CA VAL B 241 -7.75 16.88 20.86
C VAL B 241 -8.25 17.22 19.45
N TYR B 242 -8.19 18.51 19.10
CA TYR B 242 -8.61 19.00 17.79
C TYR B 242 -7.50 19.75 17.08
N HIS B 243 -6.69 19.02 16.32
CA HIS B 243 -5.68 19.60 15.43
C HIS B 243 -6.35 20.03 14.11
N LEU B 244 -6.81 21.27 14.05
CA LEU B 244 -7.55 21.78 12.90
C LEU B 244 -6.74 22.87 12.18
N GLN B 245 -6.60 22.71 10.87
CA GLN B 245 -5.71 23.52 10.03
C GLN B 245 -4.31 23.72 10.66
N PRO B 246 -3.68 22.63 11.14
CA PRO B 246 -2.44 22.78 11.91
C PRO B 246 -1.18 23.13 11.07
N SER B 247 -1.27 23.03 9.74
CA SER B 247 -0.21 23.48 8.84
C SER B 247 -0.09 25.01 8.72
N GLY B 248 -1.09 25.75 9.21
CA GLY B 248 -1.06 27.21 9.20
C GLY B 248 -1.40 27.80 7.83
N ARG B 249 -2.66 27.63 7.44
CA ARG B 249 -3.19 28.06 6.14
C ARG B 249 -2.60 27.27 4.96
N GLY B 257 0.37 22.58 -6.63
CA GLY B 257 -0.04 21.33 -6.01
C GLY B 257 0.94 20.19 -6.25
N ASP B 258 1.13 19.36 -5.22
CA ASP B 258 2.09 18.23 -5.28
C ASP B 258 1.62 17.09 -6.19
N ALA B 259 2.54 16.18 -6.51
CA ALA B 259 2.29 15.14 -7.53
C ALA B 259 1.35 14.07 -7.01
N GLY B 260 0.32 13.75 -7.80
CA GLY B 260 -0.66 12.73 -7.48
C GLY B 260 -0.51 11.52 -8.38
N VAL B 261 -0.78 10.33 -7.83
CA VAL B 261 -0.68 9.07 -8.57
C VAL B 261 -1.81 8.11 -8.18
N THR B 262 -2.33 7.37 -9.15
CA THR B 262 -3.28 6.27 -8.91
C THR B 262 -2.59 5.22 -8.04
N GLY B 263 -3.31 4.65 -7.07
CA GLY B 263 -2.76 3.59 -6.21
C GLY B 263 -1.79 4.02 -5.11
N HIS B 264 -1.98 5.22 -4.57
CA HIS B 264 -1.21 5.73 -3.41
C HIS B 264 -2.11 5.98 -2.20
N LYS B 265 -3.34 5.48 -2.25
CA LYS B 265 -4.32 5.65 -1.18
C LYS B 265 -5.03 4.30 -0.92
N ILE B 266 -4.28 3.20 -1.02
CA ILE B 266 -4.86 1.85 -0.97
C ILE B 266 -5.40 1.46 0.42
N ILE B 267 -4.79 2.01 1.47
CA ILE B 267 -5.28 1.81 2.84
C ILE B 267 -6.52 2.68 3.07
N VAL B 268 -6.51 3.92 2.57
CA VAL B 268 -7.70 4.78 2.57
C VAL B 268 -8.84 4.12 1.76
N ASP B 269 -8.49 3.46 0.66
CA ASP B 269 -9.44 2.72 -0.17
C ASP B 269 -10.13 1.55 0.54
N THR B 270 -9.44 0.96 1.53
CA THR B 270 -9.87 -0.30 2.15
C THR B 270 -10.30 -0.14 3.61
N TYR B 271 -9.41 -0.43 4.56
CA TYR B 271 -9.78 -0.60 5.97
C TYR B 271 -9.10 0.35 6.96
N GLY B 272 -8.25 1.26 6.48
CA GLY B 272 -7.59 2.25 7.34
C GLY B 272 -6.67 1.67 8.40
N GLY B 273 -5.92 0.62 8.05
CA GLY B 273 -4.94 0.00 8.95
C GLY B 273 -5.44 -1.29 9.59
N TRP B 274 -6.74 -1.37 9.85
CA TRP B 274 -7.37 -2.58 10.36
C TRP B 274 -7.30 -3.70 9.32
N GLY B 275 -7.22 -4.95 9.79
CA GLY B 275 -7.09 -6.10 8.90
C GLY B 275 -5.70 -6.15 8.26
N ALA B 276 -5.66 -6.27 6.94
CA ALA B 276 -4.39 -6.36 6.20
C ALA B 276 -4.60 -5.97 4.74
N HIS B 277 -3.50 -5.91 3.98
CA HIS B 277 -3.53 -5.61 2.56
C HIS B 277 -2.48 -6.44 1.82
N GLY B 278 -2.81 -6.89 0.60
CA GLY B 278 -1.91 -7.71 -0.23
C GLY B 278 -1.14 -6.99 -1.33
N GLY B 279 -1.25 -5.67 -1.39
CA GLY B 279 -0.52 -4.85 -2.36
C GLY B 279 -1.27 -4.24 -3.54
N GLY B 280 -2.48 -4.73 -3.82
CA GLY B 280 -3.19 -4.35 -5.04
C GLY B 280 -3.94 -3.02 -4.99
N ALA B 281 -3.65 -2.13 -5.93
CA ALA B 281 -4.41 -0.89 -6.09
C ALA B 281 -5.61 -1.19 -6.99
N PHE B 282 -6.81 -0.75 -6.59
CA PHE B 282 -8.04 -1.11 -7.32
C PHE B 282 -8.27 -0.26 -8.57
N SER B 283 -8.21 1.07 -8.41
CA SER B 283 -8.63 2.01 -9.46
C SER B 283 -7.78 1.93 -10.72
N GLY B 284 -8.41 2.11 -11.87
CA GLY B 284 -7.77 1.95 -13.17
C GLY B 284 -7.81 0.54 -13.74
N LYS B 285 -8.00 -0.47 -12.88
CA LYS B 285 -7.96 -1.87 -13.29
C LYS B 285 -9.36 -2.40 -13.46
N ASP B 286 -9.61 -3.10 -14.57
CA ASP B 286 -10.91 -3.75 -14.81
C ASP B 286 -11.11 -4.99 -13.91
N TYR B 287 -12.30 -5.58 -13.99
CA TYR B 287 -12.68 -6.74 -13.18
C TYR B 287 -11.91 -8.06 -13.43
N THR B 288 -11.21 -8.18 -14.55
CA THR B 288 -10.39 -9.38 -14.82
C THR B 288 -9.03 -9.33 -14.10
N LYS B 289 -8.77 -8.26 -13.34
CA LYS B 289 -7.60 -8.16 -12.49
C LYS B 289 -8.00 -8.59 -11.08
N VAL B 290 -7.34 -9.64 -10.58
CA VAL B 290 -7.66 -10.23 -9.27
C VAL B 290 -7.39 -9.33 -8.08
N ASP B 291 -6.42 -8.42 -8.21
CA ASP B 291 -6.16 -7.40 -7.19
C ASP B 291 -7.45 -6.69 -6.76
N ARG B 292 -8.36 -6.47 -7.71
CA ARG B 292 -9.65 -5.83 -7.45
C ARG B 292 -10.77 -6.83 -7.15
N SER B 293 -10.98 -7.80 -8.04
CA SER B 293 -12.14 -8.70 -7.95
C SER B 293 -12.11 -9.61 -6.72
N ALA B 294 -10.96 -10.21 -6.46
CA ALA B 294 -10.79 -11.05 -5.27
C ALA B 294 -10.91 -10.26 -3.97
N ALA B 295 -10.32 -9.07 -3.93
CA ALA B 295 -10.43 -8.19 -2.76
C ALA B 295 -11.88 -7.80 -2.47
N TYR B 296 -12.64 -7.50 -3.52
CA TYR B 296 -14.09 -7.24 -3.38
C TYR B 296 -14.83 -8.50 -2.90
N ALA B 297 -14.47 -9.65 -3.45
CA ALA B 297 -15.04 -10.94 -3.02
C ALA B 297 -14.66 -11.32 -1.58
N ALA B 298 -13.42 -11.02 -1.20
CA ALA B 298 -12.92 -11.31 0.15
C ALA B 298 -13.65 -10.47 1.20
N ARG B 299 -13.91 -9.21 0.88
CA ARG B 299 -14.78 -8.35 1.71
C ARG B 299 -16.15 -8.97 1.84
N TRP B 300 -16.71 -9.40 0.71
CA TRP B 300 -18.03 -10.04 0.67
C TRP B 300 -18.12 -11.24 1.61
N VAL B 301 -17.09 -12.08 1.61
CA VAL B 301 -17.00 -13.24 2.51
C VAL B 301 -16.90 -12.76 3.97
N ALA B 302 -15.94 -11.86 4.23
CA ALA B 302 -15.73 -11.30 5.56
C ALA B 302 -16.98 -10.68 6.18
N LYS B 303 -17.71 -9.90 5.38
CA LYS B 303 -18.94 -9.25 5.84
C LYS B 303 -20.07 -10.25 6.03
N SER B 304 -20.16 -11.25 5.16
CA SER B 304 -21.17 -12.31 5.27
C SER B 304 -21.01 -13.13 6.56
N LEU B 305 -19.77 -13.47 6.91
CA LEU B 305 -19.48 -14.23 8.13
C LEU B 305 -19.84 -13.47 9.42
N VAL B 306 -19.63 -12.15 9.42
CA VAL B 306 -20.01 -11.32 10.57
C VAL B 306 -21.53 -11.17 10.63
N LYS B 307 -22.14 -10.80 9.49
CA LYS B 307 -23.59 -10.60 9.42
C LYS B 307 -24.43 -11.84 9.77
N ALA B 308 -23.90 -13.03 9.51
CA ALA B 308 -24.57 -14.28 9.87
C ALA B 308 -24.51 -14.63 11.37
N GLY B 309 -23.65 -13.93 12.13
CA GLY B 309 -23.48 -14.19 13.56
C GLY B 309 -22.54 -15.34 13.88
N LEU B 310 -21.76 -15.78 12.89
CA LEU B 310 -20.71 -16.79 13.11
C LEU B 310 -19.49 -16.19 13.83
N CYS B 311 -19.30 -14.88 13.66
CA CYS B 311 -18.22 -14.14 14.32
C CYS B 311 -18.61 -12.68 14.52
N ARG B 312 -17.78 -11.95 15.26
CA ARG B 312 -17.89 -10.50 15.40
C ARG B 312 -16.81 -9.73 14.63
N ARG B 313 -15.70 -10.39 14.32
CA ARG B 313 -14.55 -9.75 13.69
C ARG B 313 -13.74 -10.82 12.96
N VAL B 314 -13.44 -10.60 11.69
CA VAL B 314 -12.74 -11.61 10.89
C VAL B 314 -11.80 -11.00 9.85
N LEU B 315 -10.64 -11.63 9.66
CA LEU B 315 -9.69 -11.33 8.59
C LEU B 315 -9.56 -12.56 7.71
N VAL B 316 -9.84 -12.41 6.42
CA VAL B 316 -9.78 -13.52 5.46
C VAL B 316 -8.67 -13.22 4.47
N GLN B 317 -7.79 -14.21 4.22
CA GLN B 317 -6.79 -14.12 3.14
C GLN B 317 -7.11 -15.11 2.04
N VAL B 318 -6.97 -14.67 0.79
CA VAL B 318 -7.05 -15.54 -0.38
C VAL B 318 -5.85 -15.25 -1.28
N SER B 319 -5.32 -16.28 -1.94
CA SER B 319 -4.19 -16.12 -2.85
C SER B 319 -4.34 -16.93 -4.15
N TYR B 320 -3.71 -16.42 -5.21
CA TYR B 320 -3.84 -16.99 -6.56
C TYR B 320 -2.49 -17.21 -7.23
N ALA B 321 -2.53 -18.00 -8.31
CA ALA B 321 -1.41 -18.18 -9.22
C ALA B 321 -1.90 -17.86 -10.63
N ILE B 322 -1.03 -17.28 -11.44
CA ILE B 322 -1.38 -16.88 -12.81
C ILE B 322 -1.72 -18.10 -13.69
N GLY B 323 -2.96 -18.14 -14.19
CA GLY B 323 -3.45 -19.26 -15.00
C GLY B 323 -4.24 -20.33 -14.25
N VAL B 324 -4.28 -20.26 -12.92
CA VAL B 324 -5.03 -21.21 -12.09
C VAL B 324 -6.31 -20.53 -11.60
N ALA B 325 -7.46 -21.14 -11.86
CA ALA B 325 -8.76 -20.57 -11.48
C ALA B 325 -9.03 -20.65 -9.98
N GLU B 326 -8.84 -21.84 -9.41
CA GLU B 326 -9.11 -22.08 -7.99
C GLU B 326 -8.04 -21.39 -7.12
N PRO B 327 -8.45 -20.73 -6.01
CA PRO B 327 -7.48 -20.15 -5.08
C PRO B 327 -6.43 -21.14 -4.54
N LEU B 328 -5.17 -20.69 -4.43
CA LEU B 328 -4.10 -21.50 -3.87
C LEU B 328 -4.36 -21.82 -2.40
N SER B 329 -4.64 -20.77 -1.62
CA SER B 329 -4.95 -20.90 -0.20
C SER B 329 -6.06 -19.96 0.21
N ILE B 330 -6.82 -20.36 1.23
CA ILE B 330 -7.80 -19.51 1.90
C ILE B 330 -7.56 -19.64 3.40
N SER B 331 -7.44 -18.52 4.10
CA SER B 331 -7.20 -18.50 5.55
C SER B 331 -8.23 -17.64 6.26
N ILE B 332 -8.62 -18.08 7.45
CA ILE B 332 -9.62 -17.38 8.28
C ILE B 332 -8.96 -17.05 9.62
N PHE B 333 -9.06 -15.79 10.04
CA PHE B 333 -8.59 -15.35 11.37
C PHE B 333 -9.71 -14.54 12.03
N THR B 334 -10.27 -15.08 13.11
CA THR B 334 -11.48 -14.52 13.74
C THR B 334 -11.18 -13.77 15.06
N TYR B 335 -9.90 -13.60 15.40
CA TYR B 335 -9.48 -12.96 16.67
C TYR B 335 -10.09 -13.61 17.92
N GLY B 336 -10.40 -14.91 17.84
CA GLY B 336 -11.11 -15.61 18.90
C GLY B 336 -12.57 -15.25 19.14
N THR B 337 -13.16 -14.40 18.30
CA THR B 337 -14.58 -14.04 18.44
C THR B 337 -15.51 -15.09 17.82
N SER B 338 -14.96 -16.03 17.04
CA SER B 338 -15.76 -17.07 16.42
C SER B 338 -16.12 -18.15 17.43
N GLN B 339 -17.31 -18.71 17.26
CA GLN B 339 -17.80 -19.81 18.09
C GLN B 339 -17.16 -21.08 17.56
N LYS B 340 -17.36 -21.34 16.26
CA LYS B 340 -16.68 -22.43 15.55
C LYS B 340 -15.18 -22.14 15.43
N THR B 341 -14.41 -23.18 15.14
CA THR B 341 -13.00 -23.03 14.81
C THR B 341 -12.85 -22.41 13.44
N GLU B 342 -11.74 -21.70 13.23
CA GLU B 342 -11.39 -21.12 11.94
C GLU B 342 -11.29 -22.20 10.84
N ARG B 343 -10.77 -23.38 11.21
CA ARG B 343 -10.76 -24.56 10.34
C ARG B 343 -12.18 -25.00 9.96
N GLU B 344 -13.08 -25.02 10.93
CA GLU B 344 -14.50 -25.29 10.67
C GLU B 344 -15.11 -24.23 9.74
N LEU B 345 -14.86 -22.95 10.03
CA LEU B 345 -15.36 -21.84 9.22
C LEU B 345 -14.87 -21.88 7.76
N LEU B 346 -13.68 -22.42 7.53
CA LEU B 346 -13.18 -22.67 6.17
C LEU B 346 -14.14 -23.55 5.37
N ASP B 347 -14.69 -24.58 6.02
CA ASP B 347 -15.68 -25.47 5.40
C ASP B 347 -16.97 -24.72 5.04
N VAL B 348 -17.37 -23.79 5.90
CA VAL B 348 -18.56 -22.95 5.68
C VAL B 348 -18.40 -22.06 4.45
N VAL B 349 -17.21 -21.49 4.28
CA VAL B 349 -16.89 -20.63 3.13
C VAL B 349 -16.78 -21.46 1.84
N HIS B 350 -16.12 -22.61 1.94
CA HIS B 350 -16.02 -23.55 0.80
C HIS B 350 -17.38 -24.01 0.26
N LYS B 351 -18.35 -24.21 1.15
CA LYS B 351 -19.69 -24.67 0.78
C LYS B 351 -20.64 -23.56 0.32
N ASN B 352 -20.44 -22.33 0.79
CA ASN B 352 -21.29 -21.18 0.44
C ASN B 352 -20.74 -20.25 -0.66
N PHE B 353 -19.44 -20.34 -0.96
CA PHE B 353 -18.80 -19.46 -1.96
C PHE B 353 -17.94 -20.23 -2.95
N ASP B 354 -17.86 -19.70 -4.17
CA ASP B 354 -16.92 -20.12 -5.19
C ASP B 354 -16.08 -18.89 -5.51
N LEU B 355 -14.78 -18.93 -5.20
CA LEU B 355 -13.90 -17.78 -5.32
C LEU B 355 -12.95 -17.87 -6.50
N ARG B 356 -13.39 -18.49 -7.59
CA ARG B 356 -12.69 -18.41 -8.86
C ARG B 356 -13.10 -17.07 -9.50
N PRO B 357 -12.14 -16.33 -10.10
CA PRO B 357 -12.42 -14.98 -10.64
C PRO B 357 -13.66 -14.86 -11.53
N GLY B 358 -13.83 -15.83 -12.44
CA GLY B 358 -14.98 -15.85 -13.35
C GLY B 358 -16.33 -16.01 -12.69
N VAL B 359 -16.37 -16.70 -11.56
CA VAL B 359 -17.59 -16.81 -10.76
C VAL B 359 -17.78 -15.54 -9.92
N ILE B 360 -16.68 -14.96 -9.45
CA ILE B 360 -16.70 -13.72 -8.66
C ILE B 360 -17.38 -12.56 -9.43
N VAL B 361 -17.03 -12.41 -10.71
CA VAL B 361 -17.66 -11.39 -11.58
C VAL B 361 -19.17 -11.63 -11.75
N ARG B 362 -19.57 -12.89 -11.91
CA ARG B 362 -20.98 -13.25 -12.09
C ARG B 362 -21.81 -12.95 -10.83
N ASP B 363 -21.30 -13.36 -9.67
CA ASP B 363 -21.97 -13.14 -8.39
C ASP B 363 -22.12 -11.66 -8.07
N LEU B 364 -21.06 -10.89 -8.32
CA LEU B 364 -20.99 -9.47 -7.94
C LEU B 364 -21.36 -8.48 -9.04
N ASP B 365 -21.66 -8.97 -10.25
CA ASP B 365 -22.14 -8.13 -11.37
C ASP B 365 -21.11 -7.03 -11.71
N LEU B 366 -19.86 -7.48 -11.92
CA LEU B 366 -18.70 -6.57 -12.04
C LEU B 366 -18.44 -5.99 -13.45
N LYS B 367 -19.29 -6.32 -14.42
CA LYS B 367 -19.21 -5.72 -15.76
C LYS B 367 -19.91 -4.36 -15.84
N LYS B 368 -20.64 -3.98 -14.79
CA LYS B 368 -21.32 -2.69 -14.74
C LYS B 368 -20.32 -1.53 -14.54
N PRO B 369 -20.59 -0.36 -15.16
CA PRO B 369 -19.74 0.81 -14.99
C PRO B 369 -20.05 1.56 -13.69
N ILE B 370 -19.60 0.99 -12.56
CA ILE B 370 -19.89 1.53 -11.21
C ILE B 370 -18.62 1.85 -10.40
N TYR B 371 -17.50 2.00 -11.09
CA TYR B 371 -16.17 2.07 -10.45
C TYR B 371 -15.71 3.46 -10.04
N GLN B 372 -16.15 4.51 -10.74
CA GLN B 372 -15.78 5.88 -10.35
C GLN B 372 -16.27 6.22 -8.95
N LYS B 373 -17.44 5.71 -8.57
CA LYS B 373 -17.98 5.89 -7.22
C LYS B 373 -17.14 5.22 -6.12
N THR B 374 -16.42 4.16 -6.46
CA THR B 374 -15.51 3.51 -5.52
C THR B 374 -14.20 4.29 -5.30
N ALA B 375 -13.87 5.17 -6.24
CA ALA B 375 -12.57 5.85 -6.26
C ALA B 375 -12.35 6.94 -5.19
N CYS B 376 -13.42 7.32 -4.49
CA CYS B 376 -13.29 8.15 -3.29
C CYS B 376 -14.24 7.65 -2.20
N TYR B 377 -13.92 7.99 -0.95
CA TYR B 377 -14.71 7.65 0.24
C TYR B 377 -14.71 6.15 0.63
N GLY B 378 -13.71 5.41 0.13
CA GLY B 378 -13.56 3.99 0.46
C GLY B 378 -14.31 3.08 -0.48
N HIS B 379 -13.71 1.95 -0.81
CA HIS B 379 -14.33 0.91 -1.63
C HIS B 379 -15.26 0.03 -0.80
N PHE B 380 -15.09 0.05 0.53
CA PHE B 380 -15.89 -0.78 1.45
C PHE B 380 -16.63 0.06 2.50
N GLY B 381 -17.78 -0.46 2.91
CA GLY B 381 -18.66 0.19 3.89
C GLY B 381 -19.94 0.76 3.34
N ARG B 382 -20.12 0.73 2.01
CA ARG B 382 -21.23 1.40 1.35
C ARG B 382 -22.15 0.37 0.70
N SER B 383 -23.35 0.19 1.27
CA SER B 383 -24.27 -0.89 0.87
C SER B 383 -24.78 -0.86 -0.58
N GLU B 384 -24.66 0.29 -1.23
CA GLU B 384 -24.94 0.43 -2.67
C GLU B 384 -24.18 -0.51 -3.61
N PHE B 385 -22.97 -0.95 -3.21
CA PHE B 385 -22.15 -1.86 -4.02
C PHE B 385 -22.50 -3.33 -3.74
N PRO B 386 -22.55 -4.20 -4.78
CA PRO B 386 -22.96 -5.61 -4.61
C PRO B 386 -22.14 -6.45 -3.62
N TRP B 387 -20.86 -6.12 -3.45
CA TRP B 387 -19.98 -6.80 -2.48
C TRP B 387 -20.23 -6.41 -1.02
N GLU B 388 -21.04 -5.38 -0.79
CA GLU B 388 -21.46 -4.98 0.56
C GLU B 388 -22.79 -5.56 1.02
N VAL B 389 -23.56 -6.13 0.10
CA VAL B 389 -24.79 -6.86 0.44
C VAL B 389 -24.37 -8.30 0.79
N PRO B 390 -24.59 -8.72 2.05
CA PRO B 390 -24.08 -10.03 2.49
C PRO B 390 -24.90 -11.20 1.95
N ARG B 391 -24.25 -12.35 1.78
CA ARG B 391 -24.93 -13.60 1.41
C ARG B 391 -25.37 -14.32 2.67
N LYS B 392 -26.63 -14.75 2.70
CA LYS B 392 -27.10 -15.59 3.80
C LYS B 392 -26.47 -16.97 3.66
N LEU B 393 -25.84 -17.43 4.73
CA LEU B 393 -24.99 -18.63 4.72
C LEU B 393 -25.76 -19.86 5.18
N VAL B 394 -25.62 -20.95 4.43
CA VAL B 394 -26.04 -22.28 4.88
C VAL B 394 -24.91 -22.87 5.71
N PHE B 395 -25.03 -22.76 7.05
CA PHE B 395 -23.94 -23.12 7.97
C PHE B 395 -24.31 -24.32 8.85
#